data_9VCL
#
_entry.id   9VCL
#
_cell.length_a   1.00
_cell.length_b   1.00
_cell.length_c   1.00
_cell.angle_alpha   90.00
_cell.angle_beta   90.00
_cell.angle_gamma   90.00
#
_symmetry.space_group_name_H-M   'P 1'
#
loop_
_entity.id
_entity.type
_entity.pdbx_description
1 polymer 'Non-structural protein 10'
2 polymer 'Guanine-N7 methyltransferase nsp14'
3 polymer 'RNA (26-MER)'
4 polymer 'RNA (28-MER)'
5 non-polymer 'ZINC ION'
6 non-polymer 'CALCIUM ION'
7 non-polymer '[(2~{R},3~{R},4~{R},5~{R})-5-(2-azanyl-6-oxidanylidene-1~{H}-purin-9-yl)-4-fluoranyl-4-methyl-3-oxidanyl-oxolan-2-yl]methyl dihydrogen phosphate'
8 water water
#
loop_
_entity_poly.entity_id
_entity_poly.type
_entity_poly.pdbx_seq_one_letter_code
_entity_poly.pdbx_strand_id
1 'polypeptide(L)'
;AGNATEVPANSTVLSFCAFAVDAAKAYKDYLASGGQPITNCVKMLCTHTGTGQAITVTPEANMDQESFGGASCCLYCRCH
IDHPNPKGFCDLKGKYVQIPTTCANDPVGFTLKNTVCTVCGMWKGYGCSCDQLREPMLQ
;
A
2 'polypeptide(L)'
;AENVTGLFKDCSKVITGLHPTQAPTHLSVDTKFKTEGLCVDIPGIPKDMTYRRLISMMGFKMNYQVNGYPNMFITREEAI
RHVRAWIGFDVEGCHATREAVGTNLPLQLGFSTGVNLVAVPTGYVDTPNNTDFSRVSAKPPPGDQFKHLIPLMYKGLPWN
VVRIKIVQMLSDTLKNLSDRVVFVLWAHGFELTSMKYFVKIGPERTCCLCDRRATCFSTASDTYACWHHSIGFDYVYNPF
MIDVQQWGFTGNLQSNHDLYCQVHGNAHVASCDAIMTRCLAVHECFVKRVDWTIEYPIIGDELKINAACRKVQHMVVKAA
LLADKFPVLHDIGNPKAIKCVPQADVEWKFYDAQPCSDKAYKIEELFYSYATHSDKFTDGVCLFWNCNVDRYPANSIVCR
FDTRVLSNLNLPGCDGGSLYVNKHAFHTPAFDKSAFVNLKQLPFFYYSDSPCESHGKQVVSDIDYVPLKSATCITRCNLG
GAVCRHHANEYRLYLDAYNMMISAGFSLWVYKQFDTYNLWNTFTRLQ
;
B
3 'polyribonucleotide' UUCUCCUAAGAAGCUAUUAAAAUCAC P
4 'polyribonucleotide' AAGUGAUUUUAAUAGCUUCUUAGGAUGA T
#
# COMPACT_ATOMS: atom_id res chain seq x y z
N ALA A 1 -13.44 -28.72 -2.98
CA ALA A 1 -13.01 -29.72 -2.02
C ALA A 1 -12.86 -29.11 -0.63
N GLY A 2 -13.45 -29.77 0.37
CA GLY A 2 -13.39 -29.28 1.72
C GLY A 2 -14.75 -28.89 2.25
N ASN A 3 -15.08 -29.35 3.46
CA ASN A 3 -16.35 -29.00 4.08
C ASN A 3 -16.38 -27.53 4.46
N ALA A 4 -17.47 -26.84 4.15
CA ALA A 4 -17.60 -25.45 4.52
C ALA A 4 -18.20 -25.32 5.92
N THR A 5 -17.78 -24.26 6.64
CA THR A 5 -18.27 -24.08 7.99
C THR A 5 -18.61 -22.63 8.33
N GLU A 6 -18.88 -21.77 7.35
CA GLU A 6 -19.22 -20.39 7.67
C GLU A 6 -20.22 -19.86 6.67
N VAL A 7 -21.22 -19.13 7.19
CA VAL A 7 -22.31 -18.57 6.39
C VAL A 7 -22.00 -17.11 6.07
N PRO A 8 -22.51 -16.56 4.96
CA PRO A 8 -22.11 -15.22 4.54
C PRO A 8 -22.55 -14.09 5.45
N ALA A 9 -23.38 -14.36 6.45
CA ALA A 9 -23.77 -13.29 7.37
C ALA A 9 -22.65 -12.96 8.34
N ASN A 10 -21.86 -13.96 8.72
CA ASN A 10 -20.71 -13.73 9.57
C ASN A 10 -19.47 -13.36 8.77
N SER A 11 -19.51 -13.53 7.45
CA SER A 11 -18.33 -13.35 6.63
C SER A 11 -17.71 -11.97 6.74
N THR A 12 -18.38 -11.00 7.35
CA THR A 12 -17.84 -9.65 7.43
C THR A 12 -17.50 -9.21 8.84
N VAL A 13 -17.78 -10.02 9.84
CA VAL A 13 -17.35 -9.76 11.19
C VAL A 13 -16.31 -10.76 11.67
N LEU A 14 -16.22 -11.92 11.04
CA LEU A 14 -15.09 -12.80 11.31
C LEU A 14 -13.85 -12.32 10.58
N SER A 15 -14.01 -11.79 9.38
CA SER A 15 -12.92 -11.21 8.63
C SER A 15 -12.52 -9.84 9.13
N PHE A 16 -12.99 -9.43 10.29
CA PHE A 16 -12.62 -8.17 10.93
C PHE A 16 -12.12 -8.38 12.33
N CYS A 17 -12.50 -9.47 12.99
CA CYS A 17 -11.84 -9.89 14.21
C CYS A 17 -10.66 -10.79 13.92
N ALA A 18 -10.54 -11.32 12.70
CA ALA A 18 -9.35 -12.06 12.31
C ALA A 18 -8.12 -11.15 12.33
N PHE A 19 -8.15 -10.09 11.52
CA PHE A 19 -7.14 -9.03 11.57
C PHE A 19 -7.49 -8.06 12.70
N ALA A 20 -7.02 -8.34 13.90
CA ALA A 20 -7.22 -7.38 14.97
C ALA A 20 -6.31 -7.72 16.12
N VAL A 21 -5.69 -6.70 16.70
CA VAL A 21 -4.70 -6.90 17.73
C VAL A 21 -5.33 -7.47 18.99
N ASP A 22 -6.54 -7.02 19.32
CA ASP A 22 -7.28 -7.51 20.48
C ASP A 22 -8.73 -7.66 20.01
N ALA A 23 -9.09 -8.89 19.62
CA ALA A 23 -10.36 -9.08 18.95
C ALA A 23 -11.52 -9.11 19.93
N ALA A 24 -11.22 -9.13 21.23
CA ALA A 24 -12.26 -8.91 22.22
C ALA A 24 -12.82 -7.50 22.09
N LYS A 25 -11.98 -6.50 22.35
CA LYS A 25 -12.38 -5.11 22.27
C LYS A 25 -12.77 -4.69 20.87
N ALA A 26 -12.32 -5.41 19.85
CA ALA A 26 -12.67 -5.08 18.48
C ALA A 26 -13.95 -5.75 18.04
N TYR A 27 -14.61 -6.49 18.93
CA TYR A 27 -15.93 -7.03 18.65
C TYR A 27 -16.99 -6.42 19.54
N LYS A 28 -16.63 -6.01 20.76
CA LYS A 28 -17.53 -5.15 21.51
C LYS A 28 -17.92 -3.94 20.68
N ASP A 29 -16.94 -3.28 20.08
CA ASP A 29 -17.18 -2.07 19.33
C ASP A 29 -17.85 -2.31 17.99
N TYR A 30 -17.80 -3.53 17.46
CA TYR A 30 -18.50 -3.79 16.21
C TYR A 30 -20.01 -3.75 16.39
N LEU A 31 -20.49 -4.23 17.53
CA LEU A 31 -21.93 -4.24 17.78
C LEU A 31 -22.44 -2.82 17.99
N ALA A 32 -21.64 -1.99 18.66
CA ALA A 32 -22.07 -0.62 18.94
C ALA A 32 -22.28 0.17 17.65
N SER A 33 -21.55 -0.16 16.59
CA SER A 33 -21.74 0.54 15.32
C SER A 33 -22.81 -0.13 14.49
N GLY A 34 -23.98 -0.34 15.07
CA GLY A 34 -25.14 -0.85 14.36
C GLY A 34 -25.01 -2.22 13.73
N GLY A 35 -23.84 -2.84 13.85
CA GLY A 35 -23.66 -4.16 13.28
C GLY A 35 -24.50 -5.18 14.01
N GLN A 36 -24.54 -6.38 13.42
CA GLN A 36 -25.32 -7.48 13.95
C GLN A 36 -24.39 -8.55 14.52
N PRO A 37 -24.77 -9.18 15.61
CA PRO A 37 -23.85 -10.06 16.32
C PRO A 37 -23.72 -11.41 15.62
N ILE A 38 -22.75 -12.19 16.10
CA ILE A 38 -22.39 -13.41 15.39
C ILE A 38 -23.49 -14.45 15.54
N THR A 39 -23.84 -15.07 14.41
CA THR A 39 -24.92 -16.05 14.37
C THR A 39 -24.36 -17.42 14.00
N ASN A 40 -25.26 -18.37 13.74
CA ASN A 40 -24.92 -19.70 13.27
C ASN A 40 -24.35 -20.53 14.42
N CYS A 41 -24.52 -20.09 15.65
CA CYS A 41 -23.98 -20.81 16.79
C CYS A 41 -24.62 -22.18 16.93
N VAL A 42 -24.05 -23.01 17.80
CA VAL A 42 -24.62 -24.31 18.07
C VAL A 42 -25.58 -24.25 19.24
N LYS A 43 -26.78 -24.78 19.03
CA LYS A 43 -27.82 -24.76 20.04
C LYS A 43 -28.25 -26.18 20.34
N MET A 44 -28.23 -26.55 21.62
CA MET A 44 -28.45 -27.92 22.02
C MET A 44 -29.91 -28.16 22.37
N LEU A 45 -30.43 -29.33 21.99
CA LEU A 45 -31.79 -29.74 22.34
C LEU A 45 -31.78 -30.44 23.70
N CYS A 46 -31.49 -29.66 24.73
CA CYS A 46 -31.54 -30.18 26.08
C CYS A 46 -32.99 -30.25 26.57
N THR A 47 -33.15 -30.61 27.84
CA THR A 47 -34.47 -30.73 28.45
C THR A 47 -34.87 -29.52 29.28
N HIS A 48 -34.02 -28.49 29.36
CA HIS A 48 -34.30 -27.28 30.12
C HIS A 48 -34.56 -27.55 31.59
N THR A 49 -34.25 -28.76 32.06
CA THR A 49 -34.38 -29.12 33.47
C THR A 49 -33.05 -29.74 33.91
N GLY A 50 -32.13 -28.88 34.32
CA GLY A 50 -30.82 -29.32 34.75
C GLY A 50 -30.15 -28.23 35.55
N THR A 51 -29.14 -28.64 36.31
CA THR A 51 -28.41 -27.69 37.13
C THR A 51 -27.64 -26.73 36.23
N GLY A 52 -28.16 -25.51 36.09
CA GLY A 52 -27.55 -24.55 35.20
C GLY A 52 -26.25 -23.99 35.74
N GLN A 53 -25.14 -24.38 35.14
CA GLN A 53 -23.84 -23.81 35.45
C GLN A 53 -23.26 -23.18 34.20
N ALA A 54 -22.16 -22.46 34.37
CA ALA A 54 -21.52 -21.86 33.21
C ALA A 54 -21.03 -22.93 32.25
N ILE A 55 -20.05 -23.71 32.68
CA ILE A 55 -19.41 -24.70 31.82
C ILE A 55 -19.61 -26.09 32.44
N THR A 56 -20.11 -27.01 31.65
CA THR A 56 -20.30 -28.38 32.08
C THR A 56 -20.14 -29.28 30.87
N VAL A 57 -19.71 -30.52 31.10
CA VAL A 57 -19.45 -31.43 30.01
C VAL A 57 -20.72 -31.99 29.38
N THR A 58 -21.88 -31.73 29.98
CA THR A 58 -23.12 -32.24 29.44
C THR A 58 -24.20 -31.16 29.54
N PRO A 59 -25.06 -31.04 28.53
CA PRO A 59 -26.01 -29.93 28.51
C PRO A 59 -26.94 -29.92 29.71
N GLU A 60 -26.79 -28.93 30.57
CA GLU A 60 -27.52 -28.87 31.83
C GLU A 60 -27.89 -27.41 32.10
N ALA A 61 -29.19 -27.12 32.03
CA ALA A 61 -29.66 -25.75 32.12
C ALA A 61 -30.98 -25.71 32.86
N ASN A 62 -31.33 -24.52 33.34
CA ASN A 62 -32.62 -24.29 33.97
C ASN A 62 -33.66 -24.08 32.88
N MET A 63 -34.84 -23.62 33.27
CA MET A 63 -35.90 -23.32 32.32
C MET A 63 -35.70 -22.01 31.60
N ASP A 64 -34.66 -21.26 31.97
CA ASP A 64 -34.37 -19.98 31.36
C ASP A 64 -32.99 -19.87 30.75
N GLN A 65 -32.16 -20.90 30.82
CA GLN A 65 -30.91 -20.94 30.08
C GLN A 65 -31.11 -21.65 28.76
N GLU A 66 -30.04 -21.73 27.97
CA GLU A 66 -30.05 -22.53 26.74
C GLU A 66 -28.63 -22.97 26.48
N SER A 67 -28.38 -24.27 26.63
CA SER A 67 -27.03 -24.83 26.54
C SER A 67 -26.54 -24.78 25.11
N PHE A 68 -25.37 -24.16 24.90
CA PHE A 68 -24.82 -23.99 23.56
C PHE A 68 -23.57 -24.85 23.39
N GLY A 69 -22.93 -24.76 22.26
CA GLY A 69 -21.73 -25.52 22.10
C GLY A 69 -20.61 -24.63 22.49
N GLY A 70 -19.86 -25.02 23.49
CA GLY A 70 -18.83 -24.17 24.00
C GLY A 70 -17.96 -23.49 23.04
N ALA A 71 -17.53 -24.17 22.01
CA ALA A 71 -16.59 -23.54 21.16
C ALA A 71 -17.33 -22.58 20.44
N SER A 72 -18.55 -22.92 20.10
CA SER A 72 -19.22 -21.96 19.26
C SER A 72 -19.21 -20.56 19.86
N CYS A 73 -19.31 -20.45 21.18
CA CYS A 73 -19.20 -19.17 21.83
C CYS A 73 -17.90 -18.43 22.09
N CYS A 74 -16.80 -19.16 22.14
CA CYS A 74 -15.51 -18.53 22.28
C CYS A 74 -15.22 -17.81 20.98
N LEU A 75 -15.24 -16.49 20.98
CA LEU A 75 -14.98 -15.74 19.77
C LEU A 75 -13.71 -16.20 19.10
N TYR A 76 -12.71 -16.56 19.89
CA TYR A 76 -11.43 -16.91 19.30
C TYR A 76 -11.50 -18.22 18.53
N CYS A 77 -12.21 -19.21 19.06
CA CYS A 77 -12.45 -20.44 18.32
C CYS A 77 -13.43 -20.26 17.19
N ARG A 78 -13.92 -19.05 17.00
CA ARG A 78 -14.92 -18.76 16.00
C ARG A 78 -14.37 -17.95 14.85
N CYS A 79 -13.25 -17.26 15.06
CA CYS A 79 -12.47 -16.64 14.00
C CYS A 79 -11.07 -17.23 13.89
N HIS A 80 -10.77 -18.25 14.69
CA HIS A 80 -9.52 -19.02 14.62
C HIS A 80 -8.30 -18.13 14.79
N ILE A 81 -8.19 -17.55 15.97
CA ILE A 81 -7.02 -16.80 16.39
C ILE A 81 -6.58 -17.33 17.74
N ASP A 82 -5.56 -16.69 18.30
CA ASP A 82 -4.95 -17.23 19.51
C ASP A 82 -5.75 -16.83 20.74
N HIS A 83 -5.86 -17.75 21.69
CA HIS A 83 -6.51 -17.42 22.94
C HIS A 83 -5.55 -16.66 23.83
N PRO A 84 -6.05 -15.68 24.59
CA PRO A 84 -5.18 -14.81 25.37
C PRO A 84 -4.79 -15.35 26.74
N ASN A 85 -5.50 -16.31 27.27
CA ASN A 85 -5.21 -16.82 28.59
C ASN A 85 -4.06 -17.80 28.54
N PRO A 86 -3.29 -17.91 29.63
CA PRO A 86 -1.98 -18.56 29.58
C PRO A 86 -2.00 -19.93 28.91
N LYS A 87 -0.91 -20.23 28.20
CA LYS A 87 -0.65 -21.50 27.53
C LYS A 87 -1.50 -21.65 26.27
N GLY A 88 -2.43 -20.71 26.05
CA GLY A 88 -3.25 -20.77 24.87
C GLY A 88 -4.15 -21.99 24.79
N PHE A 89 -5.03 -22.16 25.77
CA PHE A 89 -6.04 -23.19 25.78
C PHE A 89 -7.40 -22.55 25.98
N CYS A 90 -8.41 -23.12 25.35
CA CYS A 90 -9.76 -22.61 25.45
C CYS A 90 -10.44 -23.32 26.60
N ASP A 91 -10.96 -22.56 27.55
CA ASP A 91 -11.73 -23.16 28.63
C ASP A 91 -13.12 -23.55 28.19
N LEU A 92 -13.51 -23.19 26.96
CA LEU A 92 -14.83 -23.52 26.47
C LEU A 92 -14.81 -24.72 25.53
N LYS A 93 -13.82 -24.78 24.64
CA LYS A 93 -13.86 -25.74 23.55
C LYS A 93 -13.85 -27.14 24.11
N GLY A 94 -15.00 -27.81 24.06
CA GLY A 94 -15.14 -29.15 24.58
C GLY A 94 -16.13 -29.28 25.71
N LYS A 95 -16.63 -28.17 26.26
CA LYS A 95 -17.51 -28.19 27.42
C LYS A 95 -18.71 -27.29 27.15
N TYR A 96 -19.91 -27.82 27.36
CA TYR A 96 -21.14 -27.11 27.03
C TYR A 96 -21.23 -25.84 27.87
N VAL A 97 -21.69 -24.75 27.25
CA VAL A 97 -21.97 -23.54 28.01
C VAL A 97 -23.47 -23.25 27.97
N GLN A 98 -23.97 -22.68 29.06
CA GLN A 98 -25.38 -22.36 29.21
C GLN A 98 -25.56 -20.86 29.40
N ILE A 99 -26.24 -20.25 28.44
CA ILE A 99 -26.39 -18.80 28.38
C ILE A 99 -27.80 -18.45 28.83
N PRO A 100 -27.98 -17.40 29.65
CA PRO A 100 -29.32 -16.93 29.96
C PRO A 100 -30.06 -16.52 28.68
N THR A 101 -31.28 -17.03 28.53
CA THR A 101 -32.04 -16.81 27.29
C THR A 101 -32.34 -15.34 27.05
N THR A 102 -32.19 -14.49 28.08
CA THR A 102 -32.28 -13.05 27.87
C THR A 102 -31.28 -12.59 26.82
N CYS A 103 -30.14 -13.27 26.71
CA CYS A 103 -29.07 -12.87 25.81
C CYS A 103 -28.68 -13.97 24.84
N ALA A 104 -29.52 -14.99 24.68
CA ALA A 104 -29.18 -16.13 23.84
C ALA A 104 -29.29 -15.85 22.35
N ASN A 105 -29.42 -14.58 21.95
CA ASN A 105 -29.37 -14.28 20.51
C ASN A 105 -27.95 -14.15 20.02
N ASP A 106 -27.00 -13.86 20.90
CA ASP A 106 -25.59 -13.76 20.53
C ASP A 106 -24.73 -14.22 21.69
N PRO A 107 -24.63 -15.50 21.91
CA PRO A 107 -23.82 -15.97 23.03
C PRO A 107 -22.39 -15.50 22.90
N VAL A 108 -21.91 -15.45 21.66
CA VAL A 108 -20.53 -15.07 21.38
C VAL A 108 -20.18 -13.72 21.96
N GLY A 109 -21.17 -12.88 22.23
CA GLY A 109 -20.94 -11.63 22.91
C GLY A 109 -21.14 -11.76 24.40
N PHE A 110 -21.87 -12.79 24.82
CA PHE A 110 -22.10 -12.96 26.24
C PHE A 110 -20.83 -13.43 26.94
N THR A 111 -20.23 -14.50 26.44
CA THR A 111 -19.07 -15.08 27.11
C THR A 111 -17.88 -14.12 27.07
N LEU A 112 -17.84 -13.24 26.07
CA LEU A 112 -16.75 -12.28 25.97
C LEU A 112 -16.80 -11.22 27.05
N LYS A 113 -17.98 -10.93 27.59
CA LYS A 113 -18.16 -9.79 28.48
C LYS A 113 -18.52 -10.20 29.90
N ASN A 114 -19.24 -11.31 30.07
CA ASN A 114 -19.52 -11.80 31.41
C ASN A 114 -18.33 -12.60 31.95
N THR A 115 -18.55 -13.30 33.05
CA THR A 115 -17.51 -14.09 33.67
C THR A 115 -18.13 -15.15 34.58
N VAL A 116 -17.51 -16.32 34.60
CA VAL A 116 -17.92 -17.42 35.46
C VAL A 116 -17.38 -17.19 36.86
N CYS A 117 -18.26 -17.31 37.85
CA CYS A 117 -17.84 -17.22 39.24
C CYS A 117 -17.26 -18.56 39.68
N THR A 118 -16.24 -18.51 40.53
CA THR A 118 -15.44 -19.69 40.79
C THR A 118 -16.15 -20.71 41.66
N VAL A 119 -16.74 -20.29 42.77
CA VAL A 119 -17.26 -21.24 43.75
C VAL A 119 -18.76 -21.39 43.59
N CYS A 120 -19.45 -20.30 43.24
CA CYS A 120 -20.86 -20.40 42.92
C CYS A 120 -21.12 -21.28 41.71
N GLY A 121 -20.13 -21.45 40.84
CA GLY A 121 -20.26 -22.30 39.68
C GLY A 121 -21.17 -21.77 38.59
N MET A 122 -21.68 -20.56 38.74
CA MET A 122 -22.65 -20.00 37.81
C MET A 122 -22.15 -18.67 37.26
N TRP A 123 -22.90 -18.14 36.31
CA TRP A 123 -22.52 -16.89 35.67
C TRP A 123 -22.57 -15.76 36.67
N LYS A 124 -21.40 -15.19 36.97
CA LYS A 124 -21.30 -14.15 37.98
C LYS A 124 -22.21 -12.99 37.64
N GLY A 125 -23.23 -12.77 38.47
CA GLY A 125 -24.20 -11.74 38.26
C GLY A 125 -25.55 -12.23 37.81
N TYR A 126 -25.60 -13.22 36.93
CA TYR A 126 -26.86 -13.76 36.42
C TYR A 126 -27.33 -14.96 37.21
N GLY A 127 -27.06 -14.97 38.51
CA GLY A 127 -27.36 -16.12 39.34
C GLY A 127 -26.34 -16.32 40.43
N CYS A 128 -25.26 -15.55 40.39
CA CYS A 128 -24.24 -15.61 41.44
C CYS A 128 -24.82 -14.98 42.69
N SER A 129 -25.46 -15.81 43.51
CA SER A 129 -26.00 -15.38 44.79
C SER A 129 -24.96 -15.67 45.86
N CYS A 130 -23.96 -14.79 45.96
CA CYS A 130 -22.88 -14.96 46.92
C CYS A 130 -23.08 -14.08 48.15
N ASP A 131 -24.31 -13.89 48.59
CA ASP A 131 -24.60 -13.10 49.78
C ASP A 131 -24.20 -13.86 51.04
N GLU B 2 -26.27 -19.40 -2.08
CA GLU B 2 -25.37 -20.53 -1.87
C GLU B 2 -25.31 -20.86 -0.38
N ASN B 3 -25.59 -19.85 0.44
CA ASN B 3 -25.77 -19.98 1.89
C ASN B 3 -24.46 -20.29 2.61
N VAL B 4 -23.36 -20.51 1.89
CA VAL B 4 -22.07 -20.82 2.48
C VAL B 4 -21.03 -19.81 2.00
N THR B 5 -19.80 -20.01 2.45
CA THR B 5 -18.66 -19.24 2.00
C THR B 5 -17.43 -20.14 2.08
N GLY B 6 -16.42 -19.81 1.29
CA GLY B 6 -15.20 -20.57 1.31
C GLY B 6 -14.25 -20.09 2.37
N LEU B 7 -14.78 -19.39 3.37
CA LEU B 7 -13.99 -18.84 4.46
C LEU B 7 -14.04 -19.79 5.64
N PHE B 8 -12.88 -20.04 6.24
CA PHE B 8 -12.74 -21.02 7.31
C PHE B 8 -13.35 -22.35 6.93
N LYS B 9 -13.41 -22.68 5.65
CA LYS B 9 -13.93 -23.98 5.27
C LYS B 9 -12.92 -25.07 5.60
N ASP B 10 -13.31 -25.94 6.51
CA ASP B 10 -12.48 -27.07 6.90
C ASP B 10 -11.91 -27.77 5.68
N CYS B 11 -10.58 -27.90 5.62
CA CYS B 11 -9.92 -28.47 4.45
C CYS B 11 -9.38 -29.86 4.69
N SER B 12 -9.75 -30.50 5.80
CA SER B 12 -9.20 -31.82 6.08
C SER B 12 -9.74 -32.83 5.09
N LYS B 13 -9.22 -34.05 5.19
CA LYS B 13 -9.73 -35.18 4.43
C LYS B 13 -10.46 -36.19 5.30
N VAL B 14 -10.62 -35.90 6.60
CA VAL B 14 -11.41 -36.77 7.46
C VAL B 14 -12.85 -36.76 7.01
N ILE B 15 -13.47 -37.93 6.99
CA ILE B 15 -14.85 -38.04 6.52
C ILE B 15 -15.80 -37.37 7.51
N THR B 16 -15.82 -37.85 8.75
CA THR B 16 -16.80 -37.42 9.71
C THR B 16 -16.55 -35.98 10.16
N GLY B 17 -17.57 -35.40 10.79
CA GLY B 17 -17.48 -34.07 11.34
C GLY B 17 -16.94 -34.08 12.76
N LEU B 18 -17.28 -33.03 13.49
CA LEU B 18 -16.84 -32.90 14.87
C LEU B 18 -18.00 -33.04 15.83
N HIS B 19 -17.65 -33.24 17.09
CA HIS B 19 -18.56 -33.31 18.24
C HIS B 19 -19.41 -32.05 18.31
N PRO B 20 -20.51 -32.04 19.05
CA PRO B 20 -21.21 -30.76 19.27
C PRO B 20 -20.32 -29.70 19.88
N THR B 21 -19.73 -29.97 21.03
CA THR B 21 -18.65 -29.13 21.49
C THR B 21 -17.48 -29.26 20.51
N GLN B 22 -16.49 -28.39 20.70
CA GLN B 22 -15.33 -28.31 19.80
C GLN B 22 -15.75 -28.30 18.33
N ALA B 23 -16.92 -27.76 18.05
CA ALA B 23 -17.33 -27.47 16.69
C ALA B 23 -17.45 -25.98 16.53
N PRO B 24 -16.81 -25.39 15.54
CA PRO B 24 -16.88 -23.92 15.38
C PRO B 24 -18.29 -23.42 15.19
N THR B 25 -18.99 -23.92 14.18
CA THR B 25 -20.34 -23.45 13.88
C THR B 25 -21.28 -24.65 13.77
N HIS B 26 -22.48 -24.39 13.26
CA HIS B 26 -23.50 -25.41 13.15
C HIS B 26 -23.26 -26.31 11.94
N LEU B 27 -22.88 -25.72 10.82
CA LEU B 27 -22.68 -26.48 9.59
C LEU B 27 -21.56 -27.49 9.71
N SER B 28 -20.83 -27.47 10.82
CA SER B 28 -19.66 -28.33 10.98
C SER B 28 -19.94 -29.56 11.85
N VAL B 29 -21.08 -29.61 12.53
CA VAL B 29 -21.42 -30.80 13.30
C VAL B 29 -21.91 -31.87 12.35
N ASP B 30 -21.35 -33.08 12.45
CA ASP B 30 -21.68 -34.12 11.49
C ASP B 30 -23.13 -34.55 11.61
N THR B 31 -23.61 -35.26 10.60
CA THR B 31 -25.01 -35.64 10.54
C THR B 31 -25.40 -36.67 11.59
N LYS B 32 -24.44 -37.19 12.36
CA LYS B 32 -24.77 -38.09 13.45
C LYS B 32 -25.42 -37.37 14.62
N PHE B 33 -25.23 -36.07 14.73
CA PHE B 33 -25.73 -35.28 15.85
C PHE B 33 -26.87 -34.35 15.45
N LYS B 34 -26.85 -33.80 14.24
CA LYS B 34 -27.83 -32.80 13.84
C LYS B 34 -29.20 -33.45 13.69
N THR B 35 -30.18 -32.97 14.46
CA THR B 35 -31.55 -33.45 14.37
C THR B 35 -32.49 -32.30 14.66
N GLU B 36 -33.35 -31.97 13.69
CA GLU B 36 -34.33 -30.89 13.82
C GLU B 36 -33.65 -29.56 14.11
N GLY B 37 -32.82 -29.13 13.17
CA GLY B 37 -32.27 -27.78 13.17
C GLY B 37 -31.47 -27.39 14.39
N LEU B 38 -31.32 -28.31 15.34
CA LEU B 38 -30.53 -28.06 16.54
C LEU B 38 -29.83 -29.35 16.93
N CYS B 39 -28.56 -29.24 17.31
CA CYS B 39 -27.77 -30.44 17.58
C CYS B 39 -28.19 -31.07 18.90
N VAL B 40 -27.91 -32.37 19.01
CA VAL B 40 -28.19 -33.16 20.20
C VAL B 40 -26.92 -33.91 20.57
N ASP B 41 -26.74 -34.15 21.86
CA ASP B 41 -25.61 -34.93 22.37
C ASP B 41 -26.04 -36.39 22.44
N ILE B 42 -25.14 -37.29 22.07
CA ILE B 42 -25.34 -38.72 22.21
C ILE B 42 -24.13 -39.31 22.91
N PRO B 43 -24.29 -39.93 24.08
CA PRO B 43 -23.13 -40.52 24.77
C PRO B 43 -22.55 -41.72 24.06
N GLY B 44 -23.18 -42.19 22.98
CA GLY B 44 -22.67 -43.38 22.30
C GLY B 44 -21.32 -43.16 21.65
N ILE B 45 -21.04 -41.94 21.23
CA ILE B 45 -19.74 -41.62 20.65
C ILE B 45 -19.16 -40.41 21.38
N PRO B 46 -17.88 -40.43 21.71
CA PRO B 46 -17.29 -39.31 22.45
C PRO B 46 -16.64 -38.29 21.54
N LYS B 47 -16.28 -37.14 22.13
CA LYS B 47 -15.56 -36.13 21.39
C LYS B 47 -14.13 -36.60 21.10
N ASP B 48 -13.46 -35.87 20.22
CA ASP B 48 -12.13 -36.24 19.79
C ASP B 48 -11.08 -35.70 20.76
N MET B 49 -9.89 -36.27 20.70
CA MET B 49 -8.79 -35.83 21.52
C MET B 49 -7.52 -35.52 20.73
N THR B 50 -7.38 -36.05 19.52
CA THR B 50 -6.22 -35.79 18.69
C THR B 50 -6.67 -35.70 17.24
N TYR B 51 -6.48 -34.54 16.65
CA TYR B 51 -6.89 -34.32 15.27
C TYR B 51 -6.42 -32.93 14.88
N ARG B 52 -6.34 -32.69 13.57
CA ARG B 52 -5.88 -31.42 13.06
C ARG B 52 -6.58 -31.18 11.73
N ARG B 53 -7.29 -30.07 11.62
CA ARG B 53 -8.06 -29.79 10.41
C ARG B 53 -7.60 -28.44 9.88
N LEU B 54 -6.78 -28.46 8.85
CA LEU B 54 -6.36 -27.21 8.23
C LEU B 54 -7.56 -26.34 7.94
N ILE B 55 -7.37 -25.03 7.98
CA ILE B 55 -8.44 -24.06 7.82
C ILE B 55 -8.11 -23.16 6.66
N SER B 56 -9.05 -23.00 5.74
CA SER B 56 -8.82 -22.18 4.56
C SER B 56 -9.16 -20.73 4.86
N MET B 57 -8.14 -19.87 4.97
CA MET B 57 -8.37 -18.46 5.23
C MET B 57 -8.53 -17.71 3.91
N MET B 58 -9.39 -18.21 3.05
CA MET B 58 -9.54 -17.62 1.73
C MET B 58 -10.93 -17.05 1.56
N GLY B 59 -11.00 -15.81 1.14
CA GLY B 59 -12.28 -15.18 0.95
C GLY B 59 -12.60 -14.20 2.06
N PHE B 60 -11.60 -13.44 2.49
CA PHE B 60 -11.79 -12.42 3.50
C PHE B 60 -12.51 -11.23 2.90
N LYS B 61 -13.38 -10.62 3.70
CA LYS B 61 -14.17 -9.49 3.22
C LYS B 61 -14.00 -8.34 4.22
N MET B 62 -13.18 -7.36 3.86
CA MET B 62 -12.95 -6.21 4.72
C MET B 62 -13.90 -5.07 4.37
N ASN B 63 -15.20 -5.37 4.30
CA ASN B 63 -16.21 -4.36 4.05
C ASN B 63 -16.85 -3.88 5.34
N TYR B 64 -16.16 -4.07 6.46
CA TYR B 64 -16.69 -3.67 7.74
C TYR B 64 -16.78 -2.16 7.82
N GLN B 65 -17.28 -1.65 8.93
CA GLN B 65 -17.09 -0.25 9.29
C GLN B 65 -17.41 -0.13 10.78
N VAL B 66 -16.53 0.51 11.52
CA VAL B 66 -16.73 0.71 12.95
C VAL B 66 -16.33 2.14 13.26
N ASN B 67 -16.76 2.65 14.41
CA ASN B 67 -16.71 4.08 14.66
C ASN B 67 -15.28 4.61 14.75
N GLY B 68 -14.31 3.77 15.09
CA GLY B 68 -12.95 4.25 15.21
C GLY B 68 -11.98 3.66 14.20
N TYR B 69 -12.29 2.48 13.73
CA TYR B 69 -11.43 1.62 12.94
C TYR B 69 -11.34 2.16 11.51
N PRO B 70 -10.14 2.57 11.08
CA PRO B 70 -9.99 3.07 9.72
C PRO B 70 -9.89 1.93 8.73
N ASN B 71 -10.55 2.12 7.59
CA ASN B 71 -10.76 1.03 6.66
C ASN B 71 -9.54 0.82 5.79
N MET B 72 -9.38 -0.40 5.29
CA MET B 72 -8.25 -0.72 4.43
C MET B 72 -8.50 -0.28 3.00
N PHE B 73 -9.53 -0.84 2.37
CA PHE B 73 -9.73 -0.61 0.94
C PHE B 73 -10.12 0.84 0.69
N ILE B 74 -9.29 1.57 -0.02
CA ILE B 74 -9.55 2.94 -0.36
C ILE B 74 -9.85 3.05 -1.85
N THR B 75 -10.46 4.17 -2.24
CA THR B 75 -10.82 4.42 -3.63
C THR B 75 -9.87 5.43 -4.24
N ARG B 76 -9.78 5.41 -5.55
CA ARG B 76 -8.64 5.97 -6.25
C ARG B 76 -8.38 7.30 -5.71
N GLU B 77 -9.33 8.19 -5.46
CA GLU B 77 -9.02 9.59 -5.27
C GLU B 77 -8.28 9.88 -3.98
N GLU B 78 -8.37 8.98 -2.99
CA GLU B 78 -7.49 9.03 -1.84
C GLU B 78 -6.41 7.98 -1.92
N ALA B 79 -6.33 7.24 -3.02
CA ALA B 79 -5.15 6.45 -3.32
C ALA B 79 -4.18 7.25 -4.16
N ILE B 80 -4.70 8.19 -4.96
CA ILE B 80 -3.89 9.05 -5.80
C ILE B 80 -3.26 10.17 -5.02
N ARG B 81 -3.71 10.39 -3.79
CA ARG B 81 -3.12 11.41 -2.94
C ARG B 81 -1.98 10.86 -2.10
N HIS B 82 -2.01 9.56 -1.82
CA HIS B 82 -0.91 8.82 -1.23
C HIS B 82 -0.14 8.05 -2.30
N VAL B 83 0.54 8.75 -3.20
CA VAL B 83 1.30 8.07 -4.24
C VAL B 83 2.75 7.86 -3.85
N ARG B 84 3.17 8.41 -2.73
CA ARG B 84 4.52 8.13 -2.27
C ARG B 84 4.56 6.83 -1.49
N ALA B 85 3.42 6.25 -1.18
CA ALA B 85 3.33 5.11 -0.30
C ALA B 85 2.61 3.97 -0.96
N TRP B 86 2.86 3.76 -2.25
CA TRP B 86 2.36 2.59 -2.94
C TRP B 86 3.41 1.51 -2.93
N ILE B 87 3.02 0.31 -2.54
CA ILE B 87 3.91 -0.85 -2.54
C ILE B 87 3.17 -1.96 -3.26
N GLY B 88 3.53 -2.27 -4.49
CA GLY B 88 2.92 -3.41 -5.14
C GLY B 88 3.01 -4.64 -4.27
N PHE B 89 2.06 -5.54 -4.42
CA PHE B 89 2.07 -6.74 -3.58
C PHE B 89 1.52 -7.87 -4.41
N ASP B 90 2.29 -8.96 -4.55
CA ASP B 90 1.83 -10.15 -5.23
C ASP B 90 2.32 -11.32 -4.49
N VAL B 91 1.46 -12.25 -4.13
CA VAL B 91 1.86 -13.45 -3.45
C VAL B 91 1.53 -14.65 -4.28
N GLU B 92 2.48 -15.55 -4.50
CA GLU B 92 2.27 -16.69 -5.34
C GLU B 92 2.28 -17.85 -4.47
N GLY B 93 1.30 -18.72 -4.57
CA GLY B 93 1.23 -19.78 -3.61
C GLY B 93 1.03 -21.20 -3.98
N CYS B 94 1.28 -22.11 -3.05
CA CYS B 94 1.16 -23.50 -3.31
C CYS B 94 -0.10 -24.06 -2.82
N HIS B 95 -0.26 -25.36 -2.83
CA HIS B 95 -1.48 -26.03 -2.45
C HIS B 95 -1.25 -26.86 -1.18
N ALA B 96 -2.29 -27.54 -0.73
CA ALA B 96 -2.17 -28.48 0.38
C ALA B 96 -2.41 -29.89 -0.16
N THR B 97 -1.59 -30.85 0.27
CA THR B 97 -1.60 -32.16 -0.36
C THR B 97 -1.99 -33.32 0.54
N ARG B 98 -1.35 -33.50 1.70
CA ARG B 98 -1.47 -34.77 2.42
C ARG B 98 -2.33 -34.62 3.66
N GLU B 99 -3.35 -35.45 3.75
CA GLU B 99 -4.34 -35.38 4.82
C GLU B 99 -4.99 -34.00 4.89
N ALA B 100 -4.83 -33.21 3.84
CA ALA B 100 -5.42 -31.88 3.76
C ALA B 100 -5.46 -31.45 2.30
N VAL B 101 -6.65 -31.11 1.80
CA VAL B 101 -6.82 -30.72 0.41
C VAL B 101 -7.83 -29.59 0.35
N GLY B 102 -7.78 -28.83 -0.73
CA GLY B 102 -8.78 -27.81 -0.96
C GLY B 102 -8.46 -26.49 -0.31
N THR B 103 -7.21 -26.04 -0.44
CA THR B 103 -6.85 -24.72 0.04
C THR B 103 -5.51 -24.33 -0.58
N ASN B 104 -5.28 -23.04 -0.69
CA ASN B 104 -4.02 -22.47 -1.10
C ASN B 104 -3.39 -21.86 0.14
N LEU B 105 -2.09 -21.65 0.11
CA LEU B 105 -1.47 -20.96 1.22
C LEU B 105 -0.14 -20.34 0.81
N PRO B 106 0.11 -19.09 1.18
CA PRO B 106 1.13 -18.31 0.50
C PRO B 106 2.51 -18.90 0.67
N LEU B 107 3.26 -18.89 -0.43
CA LEU B 107 4.60 -19.43 -0.45
C LEU B 107 5.67 -18.38 -0.70
N GLN B 108 5.57 -17.65 -1.79
CA GLN B 108 6.51 -16.58 -2.08
C GLN B 108 5.79 -15.26 -2.06
N LEU B 109 6.40 -14.26 -1.43
CA LEU B 109 5.82 -12.93 -1.38
C LEU B 109 6.78 -11.97 -2.05
N GLY B 110 6.24 -11.02 -2.80
CA GLY B 110 7.11 -10.05 -3.40
C GLY B 110 6.49 -8.68 -3.48
N PHE B 111 7.25 -7.67 -3.10
CA PHE B 111 6.77 -6.31 -3.15
C PHE B 111 7.47 -5.58 -4.28
N SER B 112 7.09 -4.33 -4.51
CA SER B 112 7.58 -3.59 -5.66
C SER B 112 9.01 -3.15 -5.48
N THR B 113 9.56 -3.32 -4.29
CA THR B 113 10.97 -3.06 -4.03
C THR B 113 11.87 -4.13 -4.62
N GLY B 114 11.29 -5.07 -5.36
CA GLY B 114 12.05 -6.16 -5.91
C GLY B 114 12.51 -7.14 -4.87
N VAL B 115 11.68 -7.42 -3.88
CA VAL B 115 12.08 -8.19 -2.70
C VAL B 115 11.21 -9.44 -2.64
N ASN B 116 11.70 -10.53 -3.18
CA ASN B 116 11.04 -11.80 -2.96
C ASN B 116 11.43 -12.36 -1.60
N LEU B 117 10.44 -12.58 -0.74
CA LEU B 117 10.63 -13.33 0.48
C LEU B 117 9.95 -14.67 0.29
N VAL B 118 10.56 -15.73 0.80
CA VAL B 118 10.09 -17.08 0.50
C VAL B 118 9.71 -17.75 1.81
N ALA B 119 8.44 -17.65 2.19
CA ALA B 119 7.99 -18.24 3.43
C ALA B 119 7.86 -19.75 3.26
N VAL B 120 7.44 -20.43 4.32
CA VAL B 120 7.29 -21.89 4.34
C VAL B 120 5.79 -22.18 4.29
N PRO B 121 5.35 -23.27 3.73
CA PRO B 121 3.90 -23.53 3.73
C PRO B 121 3.36 -23.83 5.12
N THR B 122 2.68 -22.86 5.73
CA THR B 122 2.05 -23.02 7.03
C THR B 122 0.60 -22.58 6.97
N GLY B 123 -0.18 -23.06 7.91
CA GLY B 123 -1.60 -22.78 7.90
C GLY B 123 -2.25 -23.17 9.20
N TYR B 124 -3.32 -22.49 9.54
CA TYR B 124 -3.89 -22.64 10.87
C TYR B 124 -4.61 -23.97 11.00
N VAL B 125 -3.99 -24.94 11.66
CA VAL B 125 -4.64 -26.21 11.93
C VAL B 125 -5.42 -26.09 13.24
N ASP B 126 -6.43 -26.93 13.40
CA ASP B 126 -7.34 -26.85 14.54
C ASP B 126 -7.14 -28.02 15.49
N THR B 127 -6.21 -27.89 16.40
CA THR B 127 -6.09 -28.86 17.47
C THR B 127 -7.40 -28.88 18.25
N PRO B 128 -7.63 -29.90 19.06
CA PRO B 128 -8.84 -29.90 19.90
C PRO B 128 -8.77 -28.97 21.09
N ASN B 129 -7.78 -28.08 21.14
CA ASN B 129 -7.67 -27.10 22.21
C ASN B 129 -7.56 -25.67 21.69
N ASN B 130 -6.84 -25.45 20.59
CA ASN B 130 -6.54 -24.11 20.14
C ASN B 130 -6.11 -24.15 18.69
N THR B 131 -6.45 -23.11 17.95
CA THR B 131 -6.13 -23.06 16.53
C THR B 131 -4.66 -22.74 16.34
N ASP B 132 -3.91 -23.73 15.92
CA ASP B 132 -2.45 -23.67 15.91
C ASP B 132 -1.96 -22.86 14.71
N PHE B 133 -0.65 -22.93 14.47
CA PHE B 133 -0.05 -22.32 13.30
C PHE B 133 1.21 -23.12 13.01
N SER B 134 1.12 -24.08 12.10
CA SER B 134 2.19 -25.04 11.90
C SER B 134 2.32 -25.36 10.43
N ARG B 135 3.39 -26.09 10.10
CA ARG B 135 3.62 -26.52 8.73
C ARG B 135 2.54 -27.49 8.31
N VAL B 136 2.12 -27.40 7.05
CA VAL B 136 1.26 -28.38 6.41
C VAL B 136 1.90 -28.77 5.10
N SER B 137 1.84 -30.05 4.76
CA SER B 137 2.51 -30.52 3.57
C SER B 137 1.85 -29.93 2.32
N ALA B 138 2.68 -29.38 1.45
CA ALA B 138 2.21 -28.64 0.28
C ALA B 138 2.55 -29.41 -0.98
N LYS B 139 2.02 -28.92 -2.10
CA LYS B 139 2.29 -29.48 -3.41
C LYS B 139 2.32 -28.31 -4.37
N PRO B 140 3.42 -28.09 -5.06
CA PRO B 140 3.51 -26.96 -5.98
C PRO B 140 2.40 -27.03 -7.01
N PRO B 141 1.96 -25.91 -7.54
CA PRO B 141 0.80 -25.91 -8.43
C PRO B 141 1.08 -26.70 -9.69
N PRO B 142 0.20 -27.62 -10.06
CA PRO B 142 0.42 -28.40 -11.27
C PRO B 142 0.31 -27.53 -12.51
N GLY B 143 1.21 -27.76 -13.45
CA GLY B 143 1.24 -26.98 -14.66
C GLY B 143 2.67 -26.73 -15.08
N ASP B 144 2.85 -25.76 -15.97
CA ASP B 144 4.17 -25.39 -16.45
C ASP B 144 4.42 -23.89 -16.46
N GLN B 145 3.39 -23.06 -16.58
CA GLN B 145 3.60 -21.62 -16.60
C GLN B 145 4.18 -21.15 -15.27
N PHE B 146 3.75 -21.74 -14.17
CA PHE B 146 4.45 -21.64 -12.89
C PHE B 146 5.24 -22.92 -12.63
N LYS B 147 6.37 -23.02 -13.32
CA LYS B 147 7.29 -24.13 -13.10
C LYS B 147 8.39 -23.75 -12.12
N HIS B 148 8.71 -22.47 -12.02
CA HIS B 148 9.75 -22.00 -11.11
C HIS B 148 9.42 -22.26 -9.65
N LEU B 149 8.19 -22.63 -9.33
CA LEU B 149 7.81 -22.89 -7.95
C LEU B 149 8.25 -24.25 -7.47
N ILE B 150 8.70 -25.12 -8.36
CA ILE B 150 9.02 -26.50 -8.01
C ILE B 150 10.26 -26.57 -7.11
N PRO B 151 11.41 -26.02 -7.50
CA PRO B 151 12.59 -26.11 -6.64
C PRO B 151 12.62 -25.10 -5.51
N LEU B 152 11.51 -24.40 -5.27
CA LEU B 152 11.46 -23.33 -4.28
C LEU B 152 10.76 -23.75 -3.00
N MET B 153 9.99 -24.83 -3.03
CA MET B 153 9.28 -25.28 -1.84
C MET B 153 10.23 -25.92 -0.83
N TYR B 154 11.54 -25.86 -1.09
CA TYR B 154 12.52 -26.49 -0.20
C TYR B 154 13.35 -25.46 0.54
N LYS B 155 13.36 -24.21 0.09
CA LYS B 155 14.27 -23.19 0.60
C LYS B 155 13.46 -22.02 1.14
N GLY B 156 12.88 -22.17 2.31
CA GLY B 156 12.01 -21.14 2.84
C GLY B 156 12.45 -20.72 4.23
N LEU B 157 11.70 -19.80 4.80
CA LEU B 157 11.88 -19.35 6.15
C LEU B 157 10.62 -19.59 6.97
N PRO B 158 10.73 -19.77 8.27
CA PRO B 158 9.54 -19.76 9.12
C PRO B 158 8.99 -18.35 9.18
N TRP B 159 7.68 -18.25 9.42
CA TRP B 159 7.03 -16.97 9.22
C TRP B 159 7.57 -15.92 10.17
N ASN B 160 7.69 -16.25 11.45
CA ASN B 160 8.10 -15.23 12.41
C ASN B 160 9.49 -14.69 12.11
N VAL B 161 10.18 -15.30 11.15
CA VAL B 161 11.44 -14.78 10.67
C VAL B 161 11.26 -14.02 9.35
N VAL B 162 10.11 -14.16 8.70
CA VAL B 162 9.81 -13.41 7.49
C VAL B 162 8.63 -12.47 7.70
N ARG B 163 8.21 -12.26 8.94
CA ARG B 163 7.37 -11.14 9.30
C ARG B 163 8.18 -9.92 9.63
N ILE B 164 9.45 -10.12 10.00
CA ILE B 164 10.34 -9.02 10.38
C ILE B 164 11.19 -8.57 9.20
N LYS B 165 11.42 -9.46 8.24
CA LYS B 165 12.00 -9.04 6.99
C LYS B 165 11.12 -8.05 6.27
N ILE B 166 9.82 -8.15 6.45
CA ILE B 166 8.90 -7.22 5.80
C ILE B 166 9.00 -5.86 6.45
N VAL B 167 8.71 -5.78 7.75
CA VAL B 167 8.75 -4.49 8.43
C VAL B 167 10.14 -3.85 8.36
N GLN B 168 11.19 -4.66 8.25
CA GLN B 168 12.49 -4.05 8.01
C GLN B 168 12.74 -3.73 6.56
N MET B 169 11.75 -3.95 5.70
CA MET B 169 11.81 -3.62 4.29
C MET B 169 10.87 -2.48 3.92
N LEU B 170 9.64 -2.53 4.40
CA LEU B 170 8.79 -1.36 4.28
C LEU B 170 9.41 -0.17 4.98
N SER B 171 9.91 -0.37 6.19
CA SER B 171 10.47 0.75 6.92
C SER B 171 11.82 1.19 6.39
N ASP B 172 12.29 0.63 5.29
CA ASP B 172 13.42 1.20 4.56
C ASP B 172 12.98 2.01 3.35
N THR B 173 12.03 1.50 2.58
CA THR B 173 11.48 2.28 1.49
C THR B 173 10.62 3.42 2.04
N LEU B 174 9.53 3.07 2.71
CA LEU B 174 8.52 4.04 3.09
C LEU B 174 8.93 4.85 4.30
N LYS B 175 10.19 4.75 4.73
CA LYS B 175 10.60 5.42 5.95
C LYS B 175 10.58 6.92 5.77
N ASN B 176 11.05 7.40 4.63
CA ASN B 176 11.22 8.82 4.40
C ASN B 176 10.44 9.32 3.20
N LEU B 177 9.43 8.57 2.75
CA LEU B 177 8.50 9.07 1.75
C LEU B 177 7.16 9.43 2.37
N SER B 178 6.48 8.48 3.01
CA SER B 178 5.16 8.77 3.56
C SER B 178 4.99 8.02 4.87
N ASP B 179 3.84 8.17 5.52
CA ASP B 179 3.63 7.66 6.86
C ASP B 179 2.59 6.55 6.89
N ARG B 180 2.37 5.88 5.77
CA ARG B 180 1.47 4.74 5.72
C ARG B 180 1.94 3.87 4.59
N VAL B 181 1.19 2.82 4.30
CA VAL B 181 1.54 1.90 3.22
C VAL B 181 0.25 1.57 2.50
N VAL B 182 0.26 1.67 1.17
CA VAL B 182 -0.93 1.43 0.36
C VAL B 182 -0.58 0.30 -0.59
N PHE B 183 -0.83 -0.95 -0.20
CA PHE B 183 -0.50 -2.05 -1.09
C PHE B 183 -1.33 -1.97 -2.35
N VAL B 184 -0.67 -1.85 -3.48
CA VAL B 184 -1.37 -1.78 -4.76
C VAL B 184 -1.42 -3.20 -5.28
N LEU B 185 -2.49 -3.92 -4.95
CA LEU B 185 -2.60 -5.34 -5.28
C LEU B 185 -3.66 -5.56 -6.33
N TRP B 186 -3.41 -6.54 -7.19
CA TRP B 186 -4.19 -6.78 -8.40
C TRP B 186 -5.35 -7.74 -8.16
N ALA B 187 -5.05 -8.97 -7.75
CA ALA B 187 -6.12 -9.94 -7.60
C ALA B 187 -7.13 -9.51 -6.56
N HIS B 188 -6.68 -9.14 -5.36
CA HIS B 188 -7.46 -8.87 -4.16
C HIS B 188 -7.91 -10.14 -3.48
N GLY B 189 -7.59 -11.29 -4.06
CA GLY B 189 -8.11 -12.56 -3.62
C GLY B 189 -7.12 -13.20 -2.70
N PHE B 190 -6.20 -13.97 -3.27
CA PHE B 190 -5.15 -14.61 -2.49
C PHE B 190 -4.16 -13.61 -1.91
N GLU B 191 -4.36 -12.31 -2.12
CA GLU B 191 -3.55 -11.30 -1.45
C GLU B 191 -4.16 -10.82 -0.14
N LEU B 192 -5.29 -11.36 0.30
CA LEU B 192 -5.79 -11.17 1.66
C LEU B 192 -5.77 -12.44 2.48
N THR B 193 -5.78 -13.61 1.86
CA THR B 193 -5.37 -14.80 2.58
C THR B 193 -3.96 -14.63 3.10
N SER B 194 -3.12 -13.94 2.35
CA SER B 194 -1.70 -13.81 2.63
C SER B 194 -1.35 -12.55 3.38
N MET B 195 -2.34 -11.78 3.81
CA MET B 195 -2.08 -10.69 4.74
C MET B 195 -2.53 -11.04 6.14
N LYS B 196 -3.28 -12.10 6.32
CA LYS B 196 -3.57 -12.54 7.67
C LYS B 196 -2.29 -12.78 8.45
N TYR B 197 -1.20 -13.11 7.76
CA TYR B 197 0.04 -13.54 8.40
C TYR B 197 0.95 -12.41 8.81
N PHE B 198 0.79 -11.22 8.28
CA PHE B 198 1.64 -10.12 8.72
C PHE B 198 0.96 -8.78 8.89
N VAL B 199 -0.37 -8.72 8.98
CA VAL B 199 -1.08 -7.47 9.11
C VAL B 199 -2.03 -7.56 10.28
N LYS B 200 -2.01 -6.55 11.14
CA LYS B 200 -3.01 -6.34 12.15
C LYS B 200 -3.73 -5.06 11.78
N ILE B 201 -4.89 -4.82 12.37
CA ILE B 201 -5.58 -3.54 12.20
C ILE B 201 -6.18 -3.15 13.55
N GLY B 202 -6.61 -1.91 13.65
CA GLY B 202 -7.19 -1.43 14.88
C GLY B 202 -7.36 0.06 14.83
N PRO B 203 -7.79 0.64 15.95
CA PRO B 203 -8.02 2.09 15.96
C PRO B 203 -6.71 2.82 15.77
N GLU B 204 -6.79 3.99 15.18
CA GLU B 204 -5.60 4.70 14.75
C GLU B 204 -4.83 5.15 15.99
N ARG B 205 -3.78 4.41 16.32
CA ARG B 205 -2.97 4.74 17.48
C ARG B 205 -1.71 5.47 17.04
N THR B 206 -0.88 5.86 17.99
CA THR B 206 0.22 6.79 17.75
C THR B 206 1.53 6.11 18.09
N CYS B 207 2.60 6.51 17.41
CA CYS B 207 3.91 5.93 17.66
C CYS B 207 4.32 6.14 19.10
N CYS B 208 4.59 5.05 19.80
CA CYS B 208 5.20 5.17 21.11
C CYS B 208 6.56 5.84 20.98
N LEU B 209 6.89 6.70 21.95
CA LEU B 209 8.18 7.39 21.99
C LEU B 209 8.25 8.50 20.95
N CYS B 210 7.18 8.73 20.21
CA CYS B 210 7.16 9.73 19.15
C CYS B 210 5.75 10.26 19.00
N ASP B 211 5.47 10.91 17.87
CA ASP B 211 4.16 11.47 17.60
C ASP B 211 3.63 11.22 16.18
N ARG B 212 4.39 10.54 15.31
CA ARG B 212 3.85 10.15 14.02
C ARG B 212 2.80 9.06 14.19
N ARG B 213 2.10 8.74 13.11
CA ARG B 213 1.05 7.74 13.21
C ARG B 213 1.66 6.35 13.35
N ALA B 214 1.01 5.52 14.14
CA ALA B 214 1.55 4.20 14.42
C ALA B 214 1.24 3.25 13.30
N THR B 215 2.27 2.84 12.57
CA THR B 215 2.09 1.87 11.52
C THR B 215 2.96 0.63 11.63
N CYS B 216 3.25 0.15 12.82
CA CYS B 216 3.86 -1.15 13.03
C CYS B 216 3.44 -1.65 14.39
N PHE B 217 3.51 -2.95 14.59
CA PHE B 217 3.07 -3.57 15.83
C PHE B 217 4.19 -4.43 16.37
N SER B 218 3.99 -5.03 17.54
CA SER B 218 5.00 -5.95 18.08
C SER B 218 4.37 -6.84 19.14
N THR B 219 4.37 -8.13 18.90
CA THR B 219 3.77 -9.05 19.86
C THR B 219 4.67 -9.33 21.04
N ALA B 220 5.93 -8.89 21.02
CA ALA B 220 6.78 -9.07 22.19
C ALA B 220 6.50 -8.01 23.23
N SER B 221 6.75 -6.75 22.87
CA SER B 221 6.31 -5.61 23.66
C SER B 221 5.10 -5.01 22.95
N ASP B 222 3.93 -5.12 23.57
CA ASP B 222 2.71 -4.81 22.84
C ASP B 222 2.95 -3.32 22.83
N THR B 223 3.50 -2.81 21.73
CA THR B 223 3.59 -1.38 21.49
C THR B 223 3.86 -1.14 20.01
N TYR B 224 3.44 0.02 19.55
CA TYR B 224 3.43 0.40 18.14
C TYR B 224 4.68 1.21 17.80
N ALA B 225 4.73 1.73 16.58
CA ALA B 225 5.85 2.57 16.18
C ALA B 225 5.57 3.14 14.81
N CYS B 226 6.34 4.16 14.45
CA CYS B 226 6.36 4.67 13.08
C CYS B 226 7.32 3.81 12.29
N TRP B 227 7.71 4.27 11.10
CA TRP B 227 8.68 3.49 10.34
C TRP B 227 10.07 3.61 10.94
N HIS B 228 10.36 4.70 11.62
CA HIS B 228 11.70 4.91 12.15
C HIS B 228 12.00 4.07 13.38
N HIS B 229 11.12 4.10 14.39
CA HIS B 229 11.35 3.37 15.62
C HIS B 229 10.80 1.96 15.54
N SER B 230 10.65 1.43 14.33
CA SER B 230 10.19 0.06 14.15
C SER B 230 11.39 -0.84 13.87
N ILE B 231 12.14 -1.13 14.91
CA ILE B 231 13.27 -2.04 14.82
C ILE B 231 12.84 -3.34 15.49
N GLY B 232 12.79 -4.42 14.71
CA GLY B 232 12.44 -5.72 15.26
C GLY B 232 10.98 -5.87 15.58
N PHE B 233 10.12 -5.33 14.71
CA PHE B 233 8.68 -5.32 14.94
C PHE B 233 8.01 -6.25 13.96
N ASP B 234 7.09 -7.06 14.45
CA ASP B 234 6.53 -8.15 13.65
C ASP B 234 5.62 -7.64 12.55
N TYR B 235 4.51 -7.01 12.93
CA TYR B 235 3.37 -6.83 12.07
C TYR B 235 3.28 -5.42 11.55
N VAL B 236 2.72 -5.26 10.37
CA VAL B 236 2.27 -3.97 9.91
C VAL B 236 0.97 -3.66 10.64
N TYR B 237 0.82 -2.43 11.11
CA TYR B 237 -0.45 -1.97 11.63
C TYR B 237 -1.80 -1.80 10.99
N ASN B 238 -1.96 -0.88 10.04
CA ASN B 238 -3.28 -0.53 9.52
C ASN B 238 -2.59 -0.24 8.19
N PRO B 239 -2.62 -1.15 7.26
CA PRO B 239 -2.21 -0.81 5.90
C PRO B 239 -3.44 -0.51 5.09
N PHE B 240 -3.42 0.48 4.22
CA PHE B 240 -4.51 0.61 3.27
C PHE B 240 -4.14 -0.22 2.08
N MET B 241 -5.09 -0.42 1.17
CA MET B 241 -4.78 -1.28 0.03
C MET B 241 -5.79 -0.99 -1.07
N ILE B 242 -5.29 -0.90 -2.29
CA ILE B 242 -6.19 -0.68 -3.40
C ILE B 242 -6.19 -1.90 -4.31
N ASP B 243 -7.31 -2.12 -4.97
CA ASP B 243 -7.46 -3.23 -5.89
C ASP B 243 -7.55 -2.67 -7.29
N VAL B 244 -6.64 -3.10 -8.15
CA VAL B 244 -6.45 -2.46 -9.44
C VAL B 244 -7.40 -3.02 -10.49
N GLN B 245 -7.67 -4.32 -10.47
CA GLN B 245 -8.55 -4.83 -11.52
C GLN B 245 -10.00 -4.48 -11.28
N GLN B 246 -10.33 -3.79 -10.18
CA GLN B 246 -11.67 -3.25 -10.04
C GLN B 246 -11.76 -1.83 -10.54
N TRP B 247 -10.69 -1.29 -11.09
CA TRP B 247 -10.78 -0.04 -11.83
C TRP B 247 -11.27 -0.27 -13.25
N GLY B 248 -11.49 -1.53 -13.63
CA GLY B 248 -12.17 -1.86 -14.87
C GLY B 248 -11.33 -2.49 -15.95
N PHE B 249 -10.34 -3.31 -15.57
CA PHE B 249 -9.46 -3.95 -16.54
C PHE B 249 -9.90 -5.38 -16.80
N THR B 250 -9.96 -5.75 -18.07
CA THR B 250 -10.38 -7.08 -18.48
C THR B 250 -9.19 -7.84 -19.05
N GLY B 251 -9.00 -9.05 -18.56
CA GLY B 251 -7.88 -9.85 -18.99
C GLY B 251 -6.82 -9.97 -17.92
N ASN B 252 -5.89 -10.89 -18.10
CA ASN B 252 -4.84 -11.08 -17.12
C ASN B 252 -3.94 -9.85 -17.05
N LEU B 253 -2.98 -9.90 -16.14
CA LEU B 253 -2.09 -8.75 -15.94
C LEU B 253 -1.12 -8.60 -17.10
N GLN B 254 -0.43 -9.68 -17.46
CA GLN B 254 0.62 -9.60 -18.46
C GLN B 254 0.11 -9.11 -19.81
N SER B 255 -1.18 -9.24 -20.07
CA SER B 255 -1.74 -8.71 -21.31
C SER B 255 -2.58 -7.47 -21.09
N ASN B 256 -2.64 -6.98 -19.86
CA ASN B 256 -3.25 -5.69 -19.55
C ASN B 256 -2.22 -4.64 -19.20
N HIS B 257 -0.98 -5.07 -18.98
CA HIS B 257 0.10 -4.14 -18.70
C HIS B 257 0.92 -3.89 -19.96
N ASP B 258 1.27 -4.95 -20.69
CA ASP B 258 2.18 -4.80 -21.81
C ASP B 258 1.57 -4.00 -22.94
N LEU B 259 0.32 -3.58 -22.80
CA LEU B 259 -0.28 -2.66 -23.75
C LEU B 259 0.39 -1.29 -23.69
N TYR B 260 0.96 -0.93 -22.54
CA TYR B 260 1.60 0.37 -22.38
C TYR B 260 3.12 0.26 -22.21
N CYS B 261 3.57 -0.52 -21.24
CA CYS B 261 4.98 -0.59 -20.89
C CYS B 261 5.62 -1.84 -21.48
N GLN B 262 6.92 -1.78 -21.70
CA GLN B 262 7.58 -2.89 -22.33
C GLN B 262 8.87 -3.08 -21.64
N VAL B 263 9.00 -2.63 -20.41
CA VAL B 263 10.24 -2.92 -19.73
C VAL B 263 10.09 -3.52 -18.37
N HIS B 264 9.09 -4.36 -18.20
CA HIS B 264 8.88 -4.96 -16.94
C HIS B 264 8.62 -6.33 -17.43
N GLY B 265 9.49 -7.27 -17.06
CA GLY B 265 9.38 -8.62 -17.58
C GLY B 265 9.34 -10.09 -17.35
N ASN B 266 9.65 -10.55 -16.13
CA ASN B 266 9.73 -11.99 -15.80
C ASN B 266 8.39 -11.77 -15.20
N ALA B 267 7.33 -12.08 -15.91
CA ALA B 267 6.01 -11.71 -15.44
C ALA B 267 5.26 -12.75 -14.64
N HIS B 268 5.91 -13.87 -14.31
CA HIS B 268 5.15 -14.82 -13.47
C HIS B 268 5.83 -15.08 -12.10
N VAL B 269 6.95 -14.39 -11.80
CA VAL B 269 7.59 -14.55 -10.48
C VAL B 269 6.74 -13.77 -9.50
N ALA B 270 7.08 -13.83 -8.23
CA ALA B 270 6.29 -13.20 -7.20
C ALA B 270 6.70 -11.77 -6.96
N SER B 271 7.64 -11.18 -7.67
CA SER B 271 7.95 -9.76 -7.51
C SER B 271 8.07 -9.00 -8.72
N CYS B 272 7.66 -9.53 -9.87
CA CYS B 272 7.67 -8.84 -11.16
C CYS B 272 6.33 -9.00 -11.59
N ASP B 273 5.43 -9.09 -10.63
CA ASP B 273 4.09 -9.24 -10.93
C ASP B 273 3.63 -8.42 -9.86
N ALA B 274 4.52 -7.68 -9.26
CA ALA B 274 4.15 -6.78 -8.26
C ALA B 274 4.61 -5.52 -8.71
N ILE B 275 5.58 -5.50 -9.62
CA ILE B 275 6.04 -4.24 -10.17
C ILE B 275 5.16 -3.88 -11.34
N MET B 276 4.67 -4.90 -12.05
CA MET B 276 3.63 -4.69 -13.04
C MET B 276 2.30 -4.30 -12.41
N THR B 277 2.09 -4.61 -11.14
CA THR B 277 0.83 -4.32 -10.50
C THR B 277 0.69 -2.85 -10.17
N ARG B 278 1.80 -2.16 -9.95
CA ARG B 278 1.75 -0.73 -9.72
C ARG B 278 2.25 0.08 -10.90
N CYS B 279 3.06 -0.49 -11.79
CA CYS B 279 3.33 0.18 -13.06
C CYS B 279 2.09 0.30 -13.90
N LEU B 280 1.06 -0.46 -13.60
CA LEU B 280 -0.23 -0.34 -14.26
C LEU B 280 -1.19 0.53 -13.48
N ALA B 281 -1.02 0.60 -12.16
CA ALA B 281 -1.79 1.55 -11.40
C ALA B 281 -1.24 2.96 -11.55
N VAL B 282 0.09 3.09 -11.50
CA VAL B 282 0.69 4.40 -11.71
C VAL B 282 0.32 4.94 -13.07
N HIS B 283 0.48 4.14 -14.11
CA HIS B 283 0.30 4.64 -15.47
C HIS B 283 -1.07 5.22 -15.68
N GLU B 284 -2.12 4.42 -15.61
CA GLU B 284 -3.44 4.91 -15.93
C GLU B 284 -4.08 5.72 -14.81
N CYS B 285 -3.31 6.16 -13.82
CA CYS B 285 -3.84 7.09 -12.85
C CYS B 285 -3.14 8.44 -12.94
N PHE B 286 -1.88 8.44 -13.41
CA PHE B 286 -1.09 9.66 -13.48
C PHE B 286 -0.64 10.03 -14.89
N VAL B 287 -0.56 9.08 -15.79
CA VAL B 287 0.06 9.32 -17.10
C VAL B 287 -0.35 10.56 -17.88
N LYS B 288 -1.59 10.98 -17.84
CA LYS B 288 -2.12 11.85 -18.89
C LYS B 288 -2.70 13.16 -18.41
N ARG B 289 -2.17 13.71 -17.34
CA ARG B 289 -2.72 14.93 -16.78
C ARG B 289 -1.85 15.38 -15.63
N VAL B 290 -1.98 16.62 -15.20
CA VAL B 290 -1.21 17.05 -14.05
C VAL B 290 -2.42 17.65 -13.41
N ASP B 291 -3.02 16.96 -12.46
CA ASP B 291 -4.27 17.45 -11.90
C ASP B 291 -4.18 18.88 -11.39
N TRP B 292 -3.00 19.30 -10.95
CA TRP B 292 -2.81 20.67 -10.48
C TRP B 292 -3.49 20.66 -9.13
N THR B 293 -4.76 20.33 -9.09
CA THR B 293 -5.62 20.60 -7.95
C THR B 293 -5.21 19.84 -6.69
N ILE B 294 -4.40 18.79 -6.82
CA ILE B 294 -4.02 17.95 -5.69
C ILE B 294 -2.64 18.40 -5.21
N GLU B 295 -2.60 19.14 -4.12
CA GLU B 295 -1.34 19.49 -3.50
C GLU B 295 -0.77 18.28 -2.76
N TYR B 296 0.52 18.35 -2.45
CA TYR B 296 1.20 17.26 -1.78
C TYR B 296 1.98 17.80 -0.60
N PRO B 297 2.20 16.99 0.43
CA PRO B 297 2.98 17.45 1.59
C PRO B 297 4.43 17.72 1.20
N ILE B 298 5.15 18.30 2.14
CA ILE B 298 6.55 18.69 1.92
C ILE B 298 7.40 17.63 2.63
N ILE B 299 8.13 16.85 1.83
CA ILE B 299 9.01 15.84 2.41
C ILE B 299 10.36 16.47 2.77
N GLY B 300 10.99 17.10 1.79
CA GLY B 300 12.26 17.77 2.02
C GLY B 300 12.79 18.48 0.79
N ASP B 301 13.38 19.67 0.99
CA ASP B 301 14.00 20.46 -0.08
C ASP B 301 13.01 20.92 -1.14
N GLU B 302 11.70 20.77 -0.88
CA GLU B 302 10.70 21.15 -1.86
C GLU B 302 10.73 22.64 -2.17
N LEU B 303 10.86 23.49 -1.16
CA LEU B 303 10.90 24.93 -1.40
C LEU B 303 12.17 25.32 -2.16
N LYS B 304 13.32 24.84 -1.68
CA LYS B 304 14.60 25.28 -2.23
C LYS B 304 14.79 24.79 -3.66
N ILE B 305 14.38 23.55 -3.96
CA ILE B 305 14.52 23.05 -5.32
C ILE B 305 13.68 23.86 -6.29
N ASN B 306 12.42 24.14 -5.93
CA ASN B 306 11.56 24.92 -6.81
C ASN B 306 12.07 26.35 -6.97
N ALA B 307 12.56 26.96 -5.88
CA ALA B 307 13.12 28.30 -5.99
C ALA B 307 14.36 28.33 -6.86
N ALA B 308 15.24 27.33 -6.73
CA ALA B 308 16.41 27.26 -7.58
C ALA B 308 16.02 27.08 -9.04
N CYS B 309 15.01 26.25 -9.30
CA CYS B 309 14.54 26.04 -10.67
C CYS B 309 13.99 27.32 -11.26
N ARG B 310 13.19 28.07 -10.51
CA ARG B 310 12.65 29.31 -11.04
C ARG B 310 13.75 30.34 -11.25
N LYS B 311 14.75 30.37 -10.36
CA LYS B 311 15.87 31.29 -10.54
C LYS B 311 16.66 30.97 -11.81
N VAL B 312 17.05 29.70 -11.99
CA VAL B 312 17.84 29.34 -13.16
C VAL B 312 17.02 29.50 -14.44
N GLN B 313 15.70 29.28 -14.38
CA GLN B 313 14.89 29.45 -15.57
C GLN B 313 14.73 30.93 -15.93
N HIS B 314 14.51 31.79 -14.93
CA HIS B 314 14.51 33.23 -15.17
C HIS B 314 15.87 33.70 -15.65
N MET B 315 16.92 32.96 -15.33
CA MET B 315 18.27 33.36 -15.70
C MET B 315 18.59 33.01 -17.16
N VAL B 316 18.49 31.73 -17.51
CA VAL B 316 19.03 31.26 -18.79
C VAL B 316 18.26 31.86 -19.96
N VAL B 317 16.95 32.05 -19.81
CA VAL B 317 16.15 32.55 -20.93
C VAL B 317 16.45 34.03 -21.16
N LYS B 318 16.62 34.80 -20.09
CA LYS B 318 17.05 36.19 -20.26
C LYS B 318 18.43 36.25 -20.90
N ALA B 319 19.34 35.38 -20.47
CA ALA B 319 20.68 35.38 -21.06
C ALA B 319 20.61 35.09 -22.55
N ALA B 320 19.89 34.05 -22.94
CA ALA B 320 19.78 33.69 -24.35
C ALA B 320 19.11 34.79 -25.17
N LEU B 321 18.03 35.38 -24.65
CA LEU B 321 17.35 36.44 -25.39
C LEU B 321 18.26 37.64 -25.58
N LEU B 322 18.83 38.16 -24.48
CA LEU B 322 19.69 39.32 -24.56
C LEU B 322 20.97 39.05 -25.33
N ALA B 323 21.34 37.77 -25.50
CA ALA B 323 22.49 37.44 -26.32
C ALA B 323 22.16 37.39 -27.81
N ASP B 324 21.21 36.56 -28.21
CA ASP B 324 20.98 36.29 -29.62
C ASP B 324 19.94 37.19 -30.26
N LYS B 325 19.31 38.10 -29.51
CA LYS B 325 18.37 39.08 -30.07
C LYS B 325 17.24 38.38 -30.84
N PHE B 326 16.65 37.37 -30.23
CA PHE B 326 15.58 36.63 -30.88
C PHE B 326 14.35 37.52 -31.07
N PRO B 327 13.77 37.58 -32.26
CA PRO B 327 12.60 38.45 -32.47
C PRO B 327 11.38 37.98 -31.71
N VAL B 328 11.08 36.68 -31.81
CA VAL B 328 9.94 36.09 -31.12
C VAL B 328 10.41 34.87 -30.36
N LEU B 329 9.71 34.56 -29.27
CA LEU B 329 10.02 33.40 -28.45
C LEU B 329 8.75 32.59 -28.28
N HIS B 330 8.82 31.30 -28.61
CA HIS B 330 7.70 30.40 -28.46
C HIS B 330 7.73 29.77 -27.06
N ASP B 331 6.59 29.27 -26.61
CA ASP B 331 6.50 28.64 -25.30
C ASP B 331 5.57 27.44 -25.41
N ILE B 332 5.97 26.34 -24.79
CA ILE B 332 5.18 25.11 -24.80
C ILE B 332 5.19 24.51 -23.39
N GLY B 333 3.99 24.32 -22.83
CA GLY B 333 3.82 23.45 -21.68
C GLY B 333 3.57 24.11 -20.36
N ASN B 334 3.46 25.43 -20.32
CA ASN B 334 3.12 26.15 -19.10
C ASN B 334 1.62 26.25 -18.88
N PRO B 335 1.13 25.85 -17.69
CA PRO B 335 -0.32 25.92 -17.59
C PRO B 335 -1.02 27.24 -17.68
N LYS B 336 -0.61 28.21 -16.88
CA LYS B 336 -1.15 29.56 -17.01
C LYS B 336 -0.31 30.35 -18.02
N ALA B 337 -0.46 31.66 -18.01
CA ALA B 337 0.50 32.54 -18.66
C ALA B 337 1.27 33.30 -17.57
N ILE B 338 2.43 32.76 -17.20
CA ILE B 338 3.33 33.41 -16.25
C ILE B 338 4.62 33.72 -17.00
N LYS B 339 4.84 35.00 -17.29
CA LYS B 339 6.00 35.42 -18.04
C LYS B 339 7.24 35.32 -17.14
N CYS B 340 8.20 34.49 -17.55
CA CYS B 340 9.39 34.26 -16.73
C CYS B 340 10.28 35.50 -16.72
N VAL B 341 10.50 36.10 -17.88
CA VAL B 341 11.19 37.39 -17.98
C VAL B 341 10.22 38.43 -18.50
N PRO B 342 9.53 39.16 -17.62
CA PRO B 342 8.59 40.18 -18.10
C PRO B 342 9.27 41.36 -18.75
N GLN B 343 10.51 41.66 -18.37
CA GLN B 343 11.23 42.82 -18.92
C GLN B 343 12.01 42.38 -20.17
N ALA B 344 11.25 42.02 -21.20
CA ALA B 344 11.81 41.55 -22.46
C ALA B 344 11.06 42.20 -23.62
N ASP B 345 11.59 42.01 -24.82
CA ASP B 345 11.01 42.56 -26.03
C ASP B 345 10.30 41.52 -26.89
N VAL B 346 10.53 40.23 -26.64
CA VAL B 346 9.96 39.19 -27.47
C VAL B 346 8.46 39.09 -27.24
N GLU B 347 7.75 38.53 -28.22
CA GLU B 347 6.31 38.31 -28.11
C GLU B 347 6.08 36.89 -27.59
N TRP B 348 5.46 36.80 -26.41
CA TRP B 348 5.26 35.52 -25.74
C TRP B 348 3.96 34.90 -26.24
N LYS B 349 4.07 34.16 -27.34
CA LYS B 349 2.94 33.39 -27.83
C LYS B 349 2.89 32.07 -27.05
N PHE B 350 1.79 31.83 -26.35
CA PHE B 350 1.67 30.68 -25.44
C PHE B 350 1.07 29.51 -26.19
N TYR B 351 1.94 28.69 -26.78
CA TYR B 351 1.51 27.45 -27.43
C TYR B 351 1.38 26.35 -26.38
N ASP B 352 0.43 26.56 -25.46
CA ASP B 352 0.20 25.60 -24.41
C ASP B 352 -0.38 24.31 -24.97
N ALA B 353 -0.22 23.22 -24.21
CA ALA B 353 -0.75 21.94 -24.65
C ALA B 353 -2.28 21.97 -24.71
N GLN B 354 -2.91 22.58 -23.71
CA GLN B 354 -4.36 22.74 -23.66
C GLN B 354 -4.71 23.91 -22.75
N PRO B 355 -5.86 24.55 -22.96
CA PRO B 355 -6.27 25.64 -22.07
C PRO B 355 -6.53 25.11 -20.66
N CYS B 356 -5.94 25.78 -19.67
CA CYS B 356 -6.04 25.35 -18.27
C CYS B 356 -6.67 26.48 -17.45
N SER B 357 -8.00 26.42 -17.32
CA SER B 357 -8.78 27.18 -16.34
C SER B 357 -8.74 28.70 -16.55
N ASP B 358 -8.20 29.19 -17.66
CA ASP B 358 -8.19 30.64 -17.87
C ASP B 358 -7.99 30.95 -19.34
N LYS B 359 -8.56 32.09 -19.77
CA LYS B 359 -8.45 32.55 -21.14
C LYS B 359 -8.14 34.05 -21.10
N ALA B 360 -7.62 34.55 -19.97
CA ALA B 360 -7.36 35.97 -19.83
C ALA B 360 -6.18 36.45 -20.68
N TYR B 361 -5.23 35.56 -20.99
CA TYR B 361 -4.01 35.95 -21.69
C TYR B 361 -3.91 35.39 -23.10
N LYS B 362 -4.97 34.78 -23.63
CA LYS B 362 -4.99 34.28 -25.01
C LYS B 362 -3.92 33.22 -25.24
N ILE B 363 -3.98 32.16 -24.44
CA ILE B 363 -3.06 31.05 -24.59
C ILE B 363 -3.54 30.12 -25.70
N GLU B 364 -2.64 29.78 -26.61
CA GLU B 364 -2.97 28.91 -27.74
C GLU B 364 -2.96 27.45 -27.31
N GLU B 365 -3.66 26.63 -28.08
CA GLU B 365 -3.73 25.18 -27.84
C GLU B 365 -3.00 24.46 -28.97
N LEU B 366 -1.98 23.67 -28.60
CA LEU B 366 -1.20 22.95 -29.59
C LEU B 366 -0.45 21.83 -28.89
N PHE B 367 -0.47 20.65 -29.50
CA PHE B 367 0.34 19.53 -29.07
C PHE B 367 1.54 19.40 -30.00
N TYR B 368 2.68 18.97 -29.44
CA TYR B 368 3.94 18.94 -30.17
C TYR B 368 4.41 17.52 -30.38
N SER B 369 4.74 17.19 -31.63
CA SER B 369 5.44 15.98 -31.99
C SER B 369 6.44 16.32 -33.08
N TYR B 370 7.57 15.61 -33.09
CA TYR B 370 8.67 15.99 -33.99
C TYR B 370 8.29 15.82 -35.44
N ALA B 371 7.78 14.64 -35.80
CA ALA B 371 7.42 14.38 -37.20
C ALA B 371 6.29 15.26 -37.69
N THR B 372 5.49 15.80 -36.77
CA THR B 372 4.37 16.66 -37.17
C THR B 372 4.81 18.12 -37.31
N HIS B 373 5.58 18.62 -36.34
CA HIS B 373 5.93 20.03 -36.26
C HIS B 373 7.42 20.27 -36.50
N SER B 374 8.06 19.41 -37.29
CA SER B 374 9.49 19.57 -37.55
C SER B 374 9.78 20.85 -38.32
N ASP B 375 8.86 21.31 -39.16
CA ASP B 375 9.06 22.50 -39.97
C ASP B 375 7.98 23.56 -39.75
N LYS B 376 7.33 23.55 -38.59
CA LYS B 376 6.32 24.57 -38.31
C LYS B 376 6.93 25.79 -37.63
N PHE B 377 7.75 25.58 -36.61
CA PHE B 377 8.41 26.67 -35.89
C PHE B 377 9.83 26.81 -36.43
N THR B 378 10.07 27.84 -37.24
CA THR B 378 11.39 28.17 -37.72
C THR B 378 11.90 29.53 -37.23
N ASP B 379 11.04 30.34 -36.63
CA ASP B 379 11.38 31.69 -36.22
C ASP B 379 11.62 31.74 -34.72
N GLY B 380 12.75 32.30 -34.32
CA GLY B 380 13.04 32.51 -32.92
C GLY B 380 13.49 31.26 -32.17
N VAL B 381 13.02 31.12 -30.93
CA VAL B 381 13.42 30.02 -30.06
C VAL B 381 12.19 29.56 -29.29
N CYS B 382 12.08 28.25 -29.09
CA CYS B 382 10.93 27.64 -28.44
C CYS B 382 11.34 27.14 -27.07
N LEU B 383 10.66 27.61 -26.02
CA LEU B 383 11.00 27.28 -24.64
C LEU B 383 10.24 26.03 -24.23
N PHE B 384 10.92 24.88 -24.25
CA PHE B 384 10.32 23.60 -23.87
C PHE B 384 10.61 23.27 -22.40
N TRP B 385 10.18 24.15 -21.51
CA TRP B 385 10.42 23.92 -20.09
C TRP B 385 9.46 22.84 -19.59
N ASN B 386 10.03 21.72 -19.13
CA ASN B 386 9.24 20.60 -18.62
C ASN B 386 8.23 20.09 -19.63
N CYS B 387 8.64 20.03 -20.89
CA CYS B 387 7.84 19.42 -21.94
C CYS B 387 8.22 17.95 -22.10
N ASN B 388 7.31 17.20 -22.75
CA ASN B 388 7.40 15.75 -22.80
C ASN B 388 7.50 15.22 -24.22
N VAL B 389 7.90 16.08 -25.18
CA VAL B 389 7.91 15.65 -26.57
C VAL B 389 9.02 14.63 -26.80
N ASP B 390 8.82 13.80 -27.83
CA ASP B 390 9.78 12.76 -28.15
C ASP B 390 11.13 13.34 -28.57
N ARG B 391 11.11 14.37 -29.41
CA ARG B 391 12.32 15.02 -29.87
C ARG B 391 12.09 16.51 -29.99
N TYR B 392 13.11 17.29 -29.64
CA TYR B 392 13.04 18.74 -29.60
C TYR B 392 13.65 19.35 -30.86
N PRO B 393 13.14 20.49 -31.31
CA PRO B 393 13.67 21.12 -32.51
C PRO B 393 15.06 21.69 -32.31
N ALA B 394 15.63 22.28 -33.37
CA ALA B 394 17.02 22.72 -33.35
C ALA B 394 17.21 24.08 -32.67
N ASN B 395 16.14 24.80 -32.36
CA ASN B 395 16.22 26.07 -31.65
C ASN B 395 15.31 26.01 -30.42
N SER B 396 15.90 25.75 -29.26
CA SER B 396 15.08 25.58 -28.06
C SER B 396 15.95 25.67 -26.82
N ILE B 397 15.29 25.84 -25.68
CA ILE B 397 15.91 25.84 -24.37
C ILE B 397 15.15 24.82 -23.53
N VAL B 398 15.68 23.60 -23.45
CA VAL B 398 14.99 22.48 -22.84
C VAL B 398 15.51 22.28 -21.42
N CYS B 399 14.59 21.97 -20.50
CA CYS B 399 14.93 21.48 -19.17
C CYS B 399 14.10 20.21 -18.97
N ARG B 400 14.74 19.06 -19.14
CA ARG B 400 14.07 17.77 -19.02
C ARG B 400 14.59 17.05 -17.79
N PHE B 401 13.68 16.43 -17.05
CA PHE B 401 14.03 15.72 -15.82
C PHE B 401 14.69 14.39 -16.17
N ASP B 402 15.91 14.18 -15.67
CA ASP B 402 16.64 12.94 -15.91
C ASP B 402 16.06 11.87 -14.99
N THR B 403 15.44 10.86 -15.60
CA THR B 403 14.66 9.87 -14.86
C THR B 403 15.48 8.70 -14.36
N ARG B 404 16.79 8.69 -14.60
CA ARG B 404 17.65 7.63 -14.10
C ARG B 404 18.17 7.91 -12.70
N VAL B 405 17.87 9.06 -12.13
CA VAL B 405 18.31 9.42 -10.79
C VAL B 405 17.22 9.06 -9.80
N LEU B 406 17.58 8.29 -8.78
CA LEU B 406 16.64 7.83 -7.77
C LEU B 406 16.83 8.61 -6.48
N SER B 407 15.73 9.15 -5.95
CA SER B 407 15.74 9.89 -4.70
C SER B 407 14.37 9.75 -4.05
N ASN B 408 14.21 10.37 -2.88
CA ASN B 408 12.92 10.34 -2.21
C ASN B 408 11.88 11.19 -2.92
N LEU B 409 12.28 12.02 -3.88
CA LEU B 409 11.34 12.76 -4.70
C LEU B 409 10.91 11.95 -5.92
N ASN B 410 11.86 11.28 -6.56
CA ASN B 410 11.66 10.68 -7.88
C ASN B 410 11.23 9.22 -7.71
N LEU B 411 9.92 9.02 -7.61
CA LEU B 411 9.39 7.67 -7.53
C LEU B 411 9.47 6.97 -8.89
N PRO B 412 9.62 5.65 -8.90
CA PRO B 412 9.61 4.92 -10.16
C PRO B 412 8.24 5.00 -10.83
N GLY B 413 8.23 4.93 -12.15
CA GLY B 413 7.00 5.07 -12.89
C GLY B 413 6.83 4.12 -14.06
N CYS B 414 6.02 4.52 -15.04
CA CYS B 414 5.67 3.66 -16.16
C CYS B 414 6.63 3.86 -17.33
N ASP B 415 6.93 2.75 -18.02
CA ASP B 415 7.67 2.78 -19.28
C ASP B 415 9.04 3.43 -19.14
N GLY B 416 9.71 3.15 -18.02
CA GLY B 416 11.04 3.70 -17.81
C GLY B 416 10.99 5.13 -17.29
N GLY B 417 9.95 5.86 -17.66
CA GLY B 417 9.75 7.18 -17.08
C GLY B 417 9.43 7.10 -15.61
N SER B 418 9.55 8.24 -14.93
CA SER B 418 9.43 8.27 -13.49
C SER B 418 8.48 9.39 -13.06
N LEU B 419 7.92 9.21 -11.87
CA LEU B 419 6.96 10.14 -11.29
C LEU B 419 7.70 11.09 -10.35
N TYR B 420 7.78 12.35 -10.74
CA TYR B 420 8.44 13.37 -9.93
C TYR B 420 7.37 14.12 -9.15
N VAL B 421 7.17 13.72 -7.89
CA VAL B 421 6.11 14.29 -7.06
C VAL B 421 6.77 15.33 -6.16
N ASN B 422 6.66 16.60 -6.56
CA ASN B 422 7.19 17.72 -5.80
C ASN B 422 6.13 18.82 -5.84
N LYS B 423 5.28 18.87 -4.81
CA LYS B 423 4.18 19.82 -4.69
C LYS B 423 3.11 19.60 -5.76
N HIS B 424 3.39 18.71 -6.72
CA HIS B 424 2.53 18.33 -7.83
C HIS B 424 3.15 17.05 -8.38
N ALA B 425 2.42 16.36 -9.26
CA ALA B 425 2.85 15.07 -9.78
C ALA B 425 3.15 15.19 -11.28
N PHE B 426 4.43 15.17 -11.63
CA PHE B 426 4.85 15.24 -13.02
C PHE B 426 5.34 13.86 -13.44
N HIS B 427 4.69 13.28 -14.45
CA HIS B 427 5.07 11.97 -14.98
C HIS B 427 5.93 12.17 -16.22
N THR B 428 7.21 12.39 -15.99
CA THR B 428 8.14 12.56 -17.09
C THR B 428 8.48 11.19 -17.70
N PRO B 429 8.57 11.11 -19.03
CA PRO B 429 8.85 9.83 -19.68
C PRO B 429 10.35 9.53 -19.63
N ALA B 430 10.72 8.45 -20.30
CA ALA B 430 12.10 7.97 -20.24
C ALA B 430 13.07 9.00 -20.82
N PHE B 431 14.19 9.19 -20.12
CA PHE B 431 15.24 10.11 -20.56
C PHE B 431 16.14 9.33 -21.52
N ASP B 432 16.00 9.62 -22.81
CA ASP B 432 16.81 8.99 -23.84
C ASP B 432 17.69 10.02 -24.53
N LYS B 433 18.88 9.57 -24.93
CA LYS B 433 19.81 10.46 -25.61
C LYS B 433 19.31 10.84 -27.01
N SER B 434 18.46 10.02 -27.60
CA SER B 434 17.99 10.27 -28.96
C SER B 434 17.15 11.54 -29.06
N ALA B 435 16.62 12.03 -27.94
CA ALA B 435 15.81 13.24 -27.98
C ALA B 435 16.64 14.51 -28.15
N PHE B 436 17.93 14.45 -27.85
CA PHE B 436 18.80 15.63 -27.85
C PHE B 436 19.83 15.59 -28.97
N VAL B 437 19.49 14.95 -30.10
CA VAL B 437 20.40 14.94 -31.25
C VAL B 437 20.55 16.32 -31.87
N ASN B 438 19.57 17.21 -31.68
CA ASN B 438 19.61 18.55 -32.24
C ASN B 438 20.09 19.60 -31.26
N LEU B 439 20.50 19.22 -30.05
CA LEU B 439 20.88 20.17 -29.02
C LEU B 439 22.22 19.79 -28.42
N LYS B 440 22.71 20.64 -27.52
CA LYS B 440 23.93 20.41 -26.76
C LYS B 440 23.70 20.75 -25.31
N GLN B 441 24.67 20.43 -24.47
CA GLN B 441 24.58 20.74 -23.05
C GLN B 441 24.80 22.23 -22.83
N LEU B 442 24.51 22.67 -21.61
CA LEU B 442 24.64 24.09 -21.28
C LEU B 442 25.77 24.29 -20.29
N PRO B 443 26.74 25.15 -20.60
CA PRO B 443 27.78 25.47 -19.62
C PRO B 443 27.22 26.28 -18.47
N PHE B 444 27.94 26.23 -17.34
CA PHE B 444 27.59 27.01 -16.16
C PHE B 444 28.11 28.43 -16.32
N PHE B 445 27.27 29.41 -16.02
CA PHE B 445 27.66 30.81 -16.12
C PHE B 445 26.65 31.66 -15.36
N TYR B 446 27.07 32.88 -15.02
CA TYR B 446 26.19 33.84 -14.38
C TYR B 446 26.43 35.20 -14.99
N TYR B 447 25.35 35.84 -15.46
CA TYR B 447 25.38 37.13 -16.13
C TYR B 447 24.31 38.02 -15.52
N SER B 448 24.70 39.22 -15.10
CA SER B 448 23.76 40.17 -14.53
C SER B 448 24.11 41.58 -15.01
N ASP B 449 23.08 42.41 -15.18
CA ASP B 449 23.25 43.80 -15.55
C ASP B 449 23.20 44.74 -14.35
N SER B 450 23.14 44.20 -13.14
CA SER B 450 23.08 45.03 -11.94
C SER B 450 24.41 45.77 -11.76
N PRO B 451 24.39 47.09 -11.56
CA PRO B 451 25.64 47.82 -11.37
C PRO B 451 26.35 47.39 -10.09
N CYS B 452 27.68 47.45 -10.14
CA CYS B 452 28.50 46.99 -9.03
C CYS B 452 28.50 48.01 -7.89
N GLU B 453 28.27 47.54 -6.67
CA GLU B 453 28.46 48.32 -5.46
C GLU B 453 29.74 47.90 -4.76
N SER B 454 30.20 48.73 -3.83
CA SER B 454 31.42 48.44 -3.09
C SER B 454 31.15 47.41 -1.99
N TYR B 465 35.10 37.43 3.81
CA TYR B 465 35.22 37.57 2.37
C TYR B 465 36.47 36.87 1.85
N VAL B 466 36.30 36.13 0.76
CA VAL B 466 37.41 35.44 0.09
C VAL B 466 37.36 35.79 -1.40
N PRO B 467 38.48 36.21 -1.99
CA PRO B 467 38.46 36.59 -3.42
C PRO B 467 38.25 35.37 -4.30
N LEU B 468 37.31 35.49 -5.23
CA LEU B 468 36.97 34.41 -6.16
C LEU B 468 37.32 34.83 -7.58
N LYS B 469 38.09 33.99 -8.27
CA LYS B 469 38.50 34.22 -9.65
C LYS B 469 37.94 33.09 -10.49
N SER B 470 36.85 33.35 -11.20
CA SER B 470 36.25 32.36 -12.10
C SER B 470 35.80 33.06 -13.37
N ALA B 471 36.23 32.52 -14.52
CA ALA B 471 35.82 33.07 -15.80
C ALA B 471 34.38 32.74 -16.15
N THR B 472 33.74 31.84 -15.39
CA THR B 472 32.36 31.47 -15.68
C THR B 472 31.40 32.61 -15.36
N CYS B 473 31.72 33.41 -14.36
CA CYS B 473 30.88 34.56 -13.98
C CYS B 473 31.06 35.70 -14.97
N ILE B 474 29.95 36.29 -15.44
CA ILE B 474 30.02 37.41 -16.37
C ILE B 474 29.60 38.69 -15.67
N THR B 475 30.58 39.41 -15.11
CA THR B 475 30.35 40.73 -14.56
C THR B 475 31.55 41.62 -14.89
N ARG B 476 31.29 42.91 -15.05
CA ARG B 476 32.36 43.86 -15.29
C ARG B 476 33.37 43.90 -14.15
N CYS B 477 32.93 43.57 -12.93
CA CYS B 477 33.86 43.56 -11.80
C CYS B 477 34.87 42.43 -11.92
N ASN B 478 34.41 41.22 -12.23
CA ASN B 478 35.34 40.12 -12.40
C ASN B 478 36.13 40.22 -13.68
N LEU B 479 35.63 40.95 -14.68
CA LEU B 479 36.44 41.24 -15.86
C LEU B 479 37.73 41.96 -15.48
N GLY B 480 37.70 42.77 -14.42
CA GLY B 480 38.88 43.46 -13.94
C GLY B 480 39.69 42.63 -12.97
N GLY B 481 40.65 43.29 -12.34
CA GLY B 481 41.55 42.64 -11.42
C GLY B 481 40.94 42.24 -10.10
N ALA B 482 40.04 43.06 -9.57
CA ALA B 482 39.42 42.83 -8.27
C ALA B 482 37.95 42.49 -8.44
N VAL B 483 37.51 41.43 -7.78
CA VAL B 483 36.12 41.01 -7.83
C VAL B 483 35.38 41.62 -6.65
N CYS B 484 34.18 42.14 -6.90
CA CYS B 484 33.47 42.90 -5.89
C CYS B 484 32.61 42.00 -5.02
N ARG B 485 32.36 42.46 -3.80
CA ARG B 485 31.48 41.78 -2.86
C ARG B 485 30.01 41.98 -3.19
N HIS B 486 29.70 42.77 -4.20
CA HIS B 486 28.35 42.85 -4.75
C HIS B 486 28.17 41.88 -5.93
N HIS B 487 29.16 41.04 -6.21
CA HIS B 487 28.97 39.96 -7.17
C HIS B 487 29.49 38.61 -6.69
N ALA B 488 30.37 38.57 -5.70
CA ALA B 488 30.86 37.29 -5.19
C ALA B 488 29.73 36.46 -4.57
N ASN B 489 28.92 37.08 -3.69
CA ASN B 489 27.86 36.32 -3.04
C ASN B 489 26.76 35.93 -4.03
N GLU B 490 26.47 36.78 -5.01
CA GLU B 490 25.54 36.40 -6.06
C GLU B 490 26.04 35.21 -6.85
N TYR B 491 27.33 35.20 -7.20
CA TYR B 491 27.88 34.06 -7.90
C TYR B 491 27.79 32.79 -7.07
N ARG B 492 28.13 32.86 -5.79
CA ARG B 492 28.11 31.64 -4.98
C ARG B 492 26.69 31.14 -4.75
N LEU B 493 25.72 32.05 -4.57
CA LEU B 493 24.34 31.60 -4.39
C LEU B 493 23.80 30.98 -5.68
N TYR B 494 24.15 31.56 -6.83
CA TYR B 494 23.73 30.97 -8.10
C TYR B 494 24.36 29.60 -8.30
N LEU B 495 25.64 29.45 -7.92
CA LEU B 495 26.29 28.16 -8.02
C LEU B 495 25.59 27.14 -7.13
N ASP B 496 25.21 27.55 -5.92
CA ASP B 496 24.49 26.65 -5.03
C ASP B 496 23.17 26.21 -5.66
N ALA B 497 22.42 27.16 -6.21
CA ALA B 497 21.15 26.82 -6.84
C ALA B 497 21.35 25.86 -8.01
N TYR B 498 22.34 26.14 -8.87
CA TYR B 498 22.59 25.30 -10.03
C TYR B 498 22.98 23.89 -9.62
N ASN B 499 23.91 23.75 -8.69
CA ASN B 499 24.37 22.41 -8.32
C ASN B 499 23.26 21.65 -7.59
N MET B 500 22.47 22.35 -6.77
CA MET B 500 21.38 21.66 -6.08
C MET B 500 20.32 21.19 -7.05
N MET B 501 20.03 21.97 -8.10
CA MET B 501 19.07 21.52 -9.10
C MET B 501 19.63 20.35 -9.90
N ILE B 502 20.90 20.42 -10.29
CA ILE B 502 21.51 19.33 -11.05
C ILE B 502 21.51 18.05 -10.24
N SER B 503 21.78 18.15 -8.94
CA SER B 503 21.67 16.98 -8.07
C SER B 503 20.23 16.52 -7.92
N ALA B 504 19.27 17.46 -7.95
CA ALA B 504 17.86 17.09 -7.93
C ALA B 504 17.50 16.24 -9.14
N GLY B 505 18.09 16.54 -10.30
CA GLY B 505 17.98 15.66 -11.44
C GLY B 505 17.61 16.31 -12.75
N PHE B 506 17.40 17.62 -12.81
CA PHE B 506 17.08 18.26 -14.08
C PHE B 506 18.32 18.35 -14.96
N SER B 507 18.09 18.50 -16.26
CA SER B 507 19.17 18.53 -17.24
C SER B 507 18.85 19.57 -18.29
N LEU B 508 19.68 20.61 -18.38
CA LEU B 508 19.44 21.69 -19.30
C LEU B 508 20.07 21.39 -20.66
N TRP B 509 19.38 21.80 -21.72
CA TRP B 509 19.86 21.66 -23.08
C TRP B 509 19.59 22.95 -23.83
N VAL B 510 20.45 23.24 -24.81
CA VAL B 510 20.40 24.50 -25.54
C VAL B 510 20.70 24.22 -27.01
N TYR B 511 20.41 25.19 -27.87
CA TYR B 511 20.58 25.01 -29.29
C TYR B 511 22.07 24.94 -29.66
N LYS B 512 22.33 24.56 -30.91
CA LYS B 512 23.70 24.33 -31.36
C LYS B 512 24.52 25.62 -31.35
N GLN B 513 23.94 26.72 -31.82
CA GLN B 513 24.68 27.96 -32.05
C GLN B 513 24.86 28.81 -30.79
N PHE B 514 24.60 28.26 -29.61
CA PHE B 514 24.78 29.03 -28.38
C PHE B 514 26.27 29.30 -28.15
N ASP B 515 26.63 30.57 -28.13
CA ASP B 515 28.01 31.01 -27.91
C ASP B 515 28.06 31.87 -26.66
N THR B 516 28.88 31.47 -25.69
CA THR B 516 29.00 32.24 -24.46
C THR B 516 29.76 33.54 -24.65
N TYR B 517 30.58 33.64 -25.70
CA TYR B 517 31.34 34.86 -25.94
C TYR B 517 30.47 36.00 -26.43
N ASN B 518 29.37 35.69 -27.12
CA ASN B 518 28.49 36.73 -27.65
C ASN B 518 27.88 37.59 -26.54
N LEU B 519 27.88 37.11 -25.30
CA LEU B 519 27.38 37.92 -24.20
C LEU B 519 28.37 39.01 -23.81
N TRP B 520 29.67 38.79 -24.06
CA TRP B 520 30.69 39.73 -23.60
C TRP B 520 30.57 41.08 -24.29
N ASN B 521 30.34 41.08 -25.61
CA ASN B 521 30.29 42.34 -26.34
C ASN B 521 29.06 43.18 -26.03
N THR B 522 28.07 42.62 -25.31
CA THR B 522 26.93 43.42 -24.90
C THR B 522 27.34 44.52 -23.93
N PHE B 523 28.37 44.28 -23.12
CA PHE B 523 28.85 45.27 -22.17
C PHE B 523 29.56 46.42 -22.89
#